data_7PUU
#
_entry.id   7PUU
#
_cell.length_a   77.321
_cell.length_b   74.127
_cell.length_c   91.588
_cell.angle_alpha   90.000
_cell.angle_beta   108.790
_cell.angle_gamma   90.000
#
_symmetry.space_group_name_H-M   'P 1 21 1'
#
loop_
_entity.id
_entity.type
_entity.pdbx_description
1 polymer 'Carbonic anhydrase 12'
2 non-polymer 'ZINC ION'
3 non-polymer 'methyl 4-chloranyl-2-cyclohexylsulfanyl-5-sulfamoyl-benzoate'
4 non-polymer 1,2-ETHANEDIOL
5 water water
#
_entity_poly.entity_id   1
_entity_poly.type   'polypeptide(L)'
_entity_poly.pdbx_seq_one_letter_code
;MSKWTYFGPDGENSWSKKYPSCGGLLQSPIDLHSDILQYDASLTPLEFQGYNLSANKQFLLTNNGHSVKLNLPSDMHIQG
LQSRYSATQLHLHWGNPNDPHGSEHTVSGQHFAAELHIVHYNSDLYPDASTASNKSEGLAVLAVLIEMGSFNPSYDKIFS
HLQHVKYKGQEAFVPGFNIEELLPERTAEYYRYRGSLTTPPCNPTVLWTVFRNPVQISQEQLLALETALYCTHMDDPSPR
EMINNFRQVQKFDERLVYTSFSQ
;
_entity_poly.pdbx_strand_id   A,B,C,D
#
# COMPACT_ATOMS: atom_id res chain seq x y z
N LYS A 3 33.91 -0.43 -3.12
CA LYS A 3 34.34 0.12 -1.84
C LYS A 3 33.11 0.63 -1.09
N TRP A 4 32.90 0.04 0.08
CA TRP A 4 31.91 0.50 1.04
C TRP A 4 32.32 -0.01 2.40
N THR A 5 31.90 0.71 3.44
CA THR A 5 32.24 0.38 4.82
C THR A 5 31.03 0.68 5.69
N TYR A 6 31.20 0.47 7.00
CA TYR A 6 30.16 0.82 7.96
C TYR A 6 30.54 2.05 8.76
N PHE A 7 31.65 2.70 8.39
CA PHE A 7 32.08 3.87 9.16
C PHE A 7 32.66 4.91 8.21
N GLY A 8 32.79 6.14 8.70
CA GLY A 8 33.55 7.18 8.01
C GLY A 8 32.92 7.47 6.65
N PRO A 9 33.70 7.96 5.67
CA PRO A 9 33.15 8.57 4.46
C PRO A 9 32.40 7.61 3.56
N ASP A 10 32.68 6.31 3.74
CA ASP A 10 32.16 5.34 2.80
C ASP A 10 31.10 4.48 3.47
N GLY A 11 30.61 4.99 4.61
CA GLY A 11 29.62 4.33 5.44
C GLY A 11 28.23 4.48 4.86
N GLU A 12 27.25 4.01 5.64
CA GLU A 12 25.94 3.64 5.12
C GLU A 12 25.16 4.79 4.47
N ASN A 13 25.36 6.04 4.94
CA ASN A 13 24.62 7.12 4.32
C ASN A 13 25.13 7.40 2.89
N SER A 14 26.33 6.89 2.54
N SER A 14 26.33 6.88 2.53
CA SER A 14 26.93 7.13 1.23
CA SER A 14 26.89 7.15 1.21
C SER A 14 26.81 5.92 0.30
C SER A 14 26.71 5.95 0.27
N TRP A 15 26.24 4.81 0.77
CA TRP A 15 26.12 3.62 -0.09
C TRP A 15 25.32 3.92 -1.37
N SER A 16 24.31 4.81 -1.31
CA SER A 16 23.41 4.96 -2.46
C SER A 16 24.11 5.69 -3.63
N LYS A 17 25.30 6.28 -3.39
N LYS A 17 25.30 6.28 -3.39
CA LYS A 17 26.04 6.91 -4.48
CA LYS A 17 26.02 6.93 -4.49
C LYS A 17 26.40 5.85 -5.51
C LYS A 17 26.39 5.87 -5.52
N LYS A 18 27.02 4.75 -5.05
N LYS A 18 27.02 4.76 -5.06
CA LYS A 18 27.49 3.73 -5.98
CA LYS A 18 27.46 3.74 -6.00
C LYS A 18 26.50 2.57 -6.10
C LYS A 18 26.37 2.70 -6.20
N TYR A 19 25.55 2.47 -5.16
CA TYR A 19 24.59 1.39 -5.16
C TYR A 19 23.21 2.00 -5.01
N PRO A 20 22.54 2.38 -6.11
CA PRO A 20 21.35 3.20 -6.05
C PRO A 20 20.24 2.52 -5.28
N SER A 21 20.17 1.18 -5.29
CA SER A 21 19.07 0.53 -4.58
C SER A 21 19.10 0.82 -3.08
N CYS A 22 20.28 1.20 -2.54
CA CYS A 22 20.38 1.52 -1.10
C CYS A 22 19.53 2.72 -0.71
N GLY A 23 19.17 3.52 -1.69
CA GLY A 23 18.24 4.64 -1.49
C GLY A 23 16.84 4.42 -2.04
N GLY A 24 16.49 3.22 -2.45
CA GLY A 24 15.21 2.88 -3.02
C GLY A 24 14.23 2.25 -2.03
N LEU A 25 13.29 1.52 -2.58
CA LEU A 25 12.19 0.94 -1.83
C LEU A 25 12.63 -0.34 -1.11
N LEU A 26 11.77 -0.71 -0.16
CA LEU A 26 11.75 -2.00 0.52
C LEU A 26 13.07 -2.27 1.28
N GLN A 27 13.68 -1.25 1.85
CA GLN A 27 14.99 -1.44 2.48
C GLN A 27 14.87 -2.07 3.87
N SER A 28 15.86 -2.94 4.16
CA SER A 28 16.02 -3.63 5.44
C SER A 28 17.31 -3.15 6.09
N PRO A 29 17.54 -3.29 7.41
CA PRO A 29 16.62 -3.96 8.34
C PRO A 29 15.60 -2.95 8.88
N ILE A 30 14.67 -3.42 9.71
CA ILE A 30 13.58 -2.61 10.26
C ILE A 30 13.37 -2.97 11.73
N ASP A 31 12.66 -2.06 12.42
CA ASP A 31 12.25 -2.35 13.79
C ASP A 31 10.97 -3.16 13.72
N LEU A 32 10.95 -4.26 14.44
CA LEU A 32 9.79 -5.13 14.51
C LEU A 32 9.02 -4.70 15.75
N HIS A 33 8.06 -3.80 15.56
CA HIS A 33 7.39 -3.43 16.79
C HIS A 33 5.91 -3.72 16.71
N SER A 34 5.28 -3.76 17.89
CA SER A 34 3.98 -4.36 18.07
C SER A 34 2.92 -3.76 17.17
N ASP A 35 3.02 -2.44 16.87
CA ASP A 35 1.93 -1.77 16.20
C ASP A 35 1.83 -2.21 14.74
N ILE A 36 2.88 -2.85 14.21
CA ILE A 36 2.90 -3.16 12.79
C ILE A 36 2.88 -4.68 12.59
N LEU A 37 2.74 -5.41 13.69
CA LEU A 37 2.71 -6.87 13.58
C LEU A 37 1.28 -7.33 13.24
N GLN A 38 1.16 -8.33 12.36
CA GLN A 38 -0.17 -8.91 12.09
C GLN A 38 -0.06 -10.43 11.92
N TYR A 39 -0.83 -11.17 12.72
CA TYR A 39 -0.87 -12.62 12.59
C TYR A 39 -1.38 -13.02 11.21
N ASP A 40 -0.69 -13.98 10.60
CA ASP A 40 -1.11 -14.55 9.34
C ASP A 40 -1.04 -16.08 9.50
N ALA A 41 -2.23 -16.71 9.53
CA ALA A 41 -2.31 -18.17 9.65
C ALA A 41 -1.71 -18.90 8.44
N SER A 42 -1.45 -18.20 7.33
CA SER A 42 -0.81 -18.86 6.20
C SER A 42 0.66 -19.17 6.48
N LEU A 43 1.20 -18.62 7.57
CA LEU A 43 2.64 -18.74 7.79
C LEU A 43 2.97 -20.03 8.52
N THR A 44 3.11 -21.08 7.74
CA THR A 44 3.33 -22.43 8.24
C THR A 44 4.82 -22.68 8.50
N PRO A 45 5.20 -23.76 9.23
CA PRO A 45 6.60 -23.96 9.59
C PRO A 45 7.44 -24.27 8.37
N LEU A 46 8.64 -23.71 8.33
CA LEU A 46 9.56 -24.08 7.25
C LEU A 46 10.20 -25.42 7.61
N GLU A 47 10.68 -26.10 6.57
CA GLU A 47 11.44 -27.33 6.74
C GLU A 47 12.86 -27.07 6.27
N PHE A 48 13.85 -27.52 7.07
CA PHE A 48 15.25 -27.27 6.80
C PHE A 48 15.89 -28.56 6.27
N GLN A 49 16.15 -28.55 4.97
CA GLN A 49 16.51 -29.81 4.32
C GLN A 49 17.97 -29.76 3.92
N GLY A 50 18.69 -30.87 4.14
CA GLY A 50 20.11 -30.82 3.80
C GLY A 50 20.97 -29.92 4.71
N TYR A 51 20.45 -29.55 5.88
CA TYR A 51 21.21 -28.69 6.82
C TYR A 51 22.24 -29.51 7.58
N ASN A 52 22.08 -30.83 7.60
CA ASN A 52 23.07 -31.66 8.29
C ASN A 52 24.24 -31.96 7.35
N LEU A 53 25.21 -31.04 7.28
CA LEU A 53 26.29 -31.10 6.31
C LEU A 53 27.20 -32.27 6.64
N SER A 54 27.54 -32.99 5.57
CA SER A 54 28.44 -34.13 5.66
C SER A 54 29.63 -33.72 6.51
N ALA A 55 29.87 -34.47 7.60
CA ALA A 55 31.07 -34.27 8.39
C ALA A 55 32.33 -34.60 7.59
N ASN A 56 32.16 -35.19 6.40
CA ASN A 56 33.30 -35.58 5.56
C ASN A 56 33.53 -34.55 4.44
N LYS A 57 32.68 -33.51 4.36
CA LYS A 57 33.02 -32.41 3.47
C LYS A 57 33.55 -31.22 4.28
N GLN A 58 34.21 -30.30 3.59
CA GLN A 58 34.72 -29.06 4.22
C GLN A 58 34.13 -27.86 3.52
N PHE A 59 33.86 -26.78 4.28
CA PHE A 59 33.16 -25.63 3.75
C PHE A 59 33.99 -24.37 3.98
N LEU A 60 34.09 -23.50 2.97
CA LEU A 60 35.04 -22.39 2.95
C LEU A 60 34.51 -21.23 3.81
N LEU A 61 35.29 -20.86 4.84
CA LEU A 61 35.07 -19.67 5.64
C LEU A 61 35.99 -18.56 5.15
N THR A 62 35.42 -17.39 4.89
N THR A 62 35.46 -17.35 4.90
CA THR A 62 36.23 -16.27 4.46
CA THR A 62 36.22 -16.26 4.28
C THR A 62 35.91 -15.04 5.29
C THR A 62 35.91 -14.93 4.94
N ASN A 63 36.94 -14.22 5.43
CA ASN A 63 36.76 -12.86 5.88
C ASN A 63 36.75 -12.01 4.62
N ASN A 64 35.59 -11.40 4.32
CA ASN A 64 35.46 -10.65 3.09
C ASN A 64 35.63 -9.15 3.32
N GLY A 65 36.03 -8.74 4.53
CA GLY A 65 36.23 -7.32 4.79
C GLY A 65 34.98 -6.66 5.40
N HIS A 66 33.82 -7.34 5.31
CA HIS A 66 32.54 -6.83 5.83
C HIS A 66 31.92 -7.71 6.92
N SER A 67 32.24 -9.01 6.92
N SER A 67 32.13 -9.03 6.81
CA SER A 67 31.73 -9.98 7.89
CA SER A 67 31.50 -10.08 7.64
C SER A 67 32.63 -11.21 7.78
C SER A 67 32.42 -11.30 7.56
N VAL A 68 32.24 -12.27 8.47
CA VAL A 68 32.87 -13.55 8.21
C VAL A 68 31.76 -14.38 7.56
N LYS A 69 32.06 -15.05 6.42
CA LYS A 69 31.03 -15.83 5.76
C LYS A 69 31.46 -17.29 5.59
N LEU A 70 30.48 -18.18 5.71
CA LEU A 70 30.69 -19.61 5.47
C LEU A 70 29.90 -19.95 4.22
N ASN A 71 30.61 -20.56 3.23
CA ASN A 71 29.91 -20.98 2.02
C ASN A 71 29.12 -22.24 2.30
N LEU A 72 27.92 -22.31 1.71
CA LEU A 72 27.04 -23.43 1.98
C LEU A 72 26.72 -24.12 0.64
N PRO A 73 26.38 -25.43 0.64
CA PRO A 73 26.09 -26.12 -0.63
C PRO A 73 24.64 -26.01 -1.10
N SER A 74 24.47 -26.13 -2.42
CA SER A 74 23.17 -25.85 -3.00
C SER A 74 22.19 -27.00 -2.75
N ASP A 75 22.61 -28.16 -2.23
CA ASP A 75 21.62 -29.15 -1.83
C ASP A 75 20.94 -28.84 -0.50
N MET A 76 21.52 -27.89 0.25
CA MET A 76 20.88 -27.41 1.48
C MET A 76 19.80 -26.42 1.07
N HIS A 77 18.58 -26.61 1.59
CA HIS A 77 17.50 -25.73 1.13
C HIS A 77 16.37 -25.62 2.15
N ILE A 78 15.57 -24.56 1.95
CA ILE A 78 14.29 -24.38 2.64
C ILE A 78 13.16 -24.98 1.82
N GLN A 79 12.31 -25.75 2.51
CA GLN A 79 11.07 -26.22 1.91
C GLN A 79 9.94 -25.50 2.65
N GLY A 80 8.92 -25.06 1.91
CA GLY A 80 7.74 -24.46 2.54
C GLY A 80 7.35 -23.15 1.87
N LEU A 81 8.27 -22.51 1.15
CA LEU A 81 8.00 -21.28 0.41
C LEU A 81 7.45 -21.64 -0.98
N GLN A 82 7.12 -20.61 -1.76
CA GLN A 82 6.50 -20.78 -3.08
C GLN A 82 7.41 -21.64 -3.96
N SER A 83 8.68 -21.25 -3.95
CA SER A 83 9.78 -21.89 -4.68
C SER A 83 10.71 -22.53 -3.66
N ARG A 84 11.52 -23.48 -4.12
CA ARG A 84 12.64 -23.93 -3.29
C ARG A 84 13.69 -22.84 -3.25
N TYR A 85 14.20 -22.54 -2.02
CA TYR A 85 15.34 -21.63 -1.91
C TYR A 85 16.55 -22.38 -1.34
N SER A 86 17.61 -22.40 -2.15
CA SER A 86 18.80 -23.21 -1.80
C SER A 86 19.81 -22.32 -1.10
N ALA A 87 20.54 -22.88 -0.13
CA ALA A 87 21.50 -22.08 0.64
C ALA A 87 22.66 -21.67 -0.25
N THR A 88 23.26 -20.53 0.09
CA THR A 88 24.50 -20.07 -0.54
C THR A 88 25.58 -19.69 0.48
N GLN A 89 25.22 -19.03 1.58
CA GLN A 89 26.23 -18.64 2.57
C GLN A 89 25.52 -18.27 3.86
N LEU A 90 26.27 -18.31 4.97
CA LEU A 90 25.81 -17.65 6.20
C LEU A 90 26.88 -16.69 6.69
N HIS A 91 26.46 -15.67 7.47
CA HIS A 91 27.38 -14.69 8.04
C HIS A 91 26.71 -14.00 9.21
N LEU A 92 27.47 -13.14 9.90
CA LEU A 92 26.92 -12.53 11.12
C LEU A 92 27.12 -11.02 11.09
N HIS A 93 26.43 -10.33 12.03
CA HIS A 93 26.56 -8.88 12.24
C HIS A 93 26.62 -8.65 13.74
N TRP A 94 27.44 -7.68 14.17
CA TRP A 94 27.62 -7.53 15.61
C TRP A 94 28.00 -6.08 15.89
N GLY A 95 28.12 -5.77 17.18
CA GLY A 95 28.49 -4.44 17.62
C GLY A 95 29.96 -4.33 18.04
N ASN A 96 30.17 -3.96 19.31
CA ASN A 96 31.55 -3.82 19.79
C ASN A 96 31.52 -3.97 21.31
N PRO A 97 32.65 -4.31 21.98
CA PRO A 97 32.61 -4.54 23.42
C PRO A 97 32.09 -3.37 24.26
N ASN A 98 32.24 -2.12 23.79
CA ASN A 98 31.71 -1.00 24.59
C ASN A 98 30.20 -0.82 24.40
N ASP A 99 29.64 -1.40 23.32
CA ASP A 99 28.22 -1.25 23.00
C ASP A 99 27.78 -2.52 22.28
N PRO A 100 27.63 -3.61 23.05
CA PRO A 100 27.53 -4.95 22.48
C PRO A 100 26.11 -5.28 22.03
N HIS A 101 25.66 -4.47 21.09
CA HIS A 101 24.23 -4.53 20.72
C HIS A 101 24.08 -4.28 19.22
N GLY A 102 24.60 -5.22 18.44
CA GLY A 102 24.82 -5.05 17.00
C GLY A 102 23.97 -5.94 16.07
N SER A 103 22.80 -6.40 16.52
CA SER A 103 21.82 -6.97 15.59
C SER A 103 21.37 -5.91 14.59
N GLU A 104 20.96 -6.41 13.43
CA GLU A 104 20.41 -5.52 12.38
C GLU A 104 18.93 -5.24 12.66
N HIS A 105 18.12 -6.26 12.70
CA HIS A 105 16.74 -6.07 13.16
C HIS A 105 16.71 -5.70 14.63
N THR A 106 15.70 -4.92 15.01
CA THR A 106 15.40 -4.64 16.40
C THR A 106 13.98 -5.09 16.71
N VAL A 107 13.70 -5.31 18.00
CA VAL A 107 12.37 -5.74 18.44
C VAL A 107 11.90 -4.71 19.48
N SER A 108 10.79 -4.02 19.15
CA SER A 108 10.27 -2.96 20.04
C SER A 108 11.38 -1.96 20.36
N GLY A 109 12.19 -1.63 19.34
CA GLY A 109 13.26 -0.65 19.49
C GLY A 109 14.60 -1.17 20.04
N GLN A 110 14.63 -2.42 20.51
CA GLN A 110 15.82 -2.98 21.14
C GLN A 110 16.68 -3.85 20.22
N HIS A 111 17.99 -3.58 20.22
CA HIS A 111 18.94 -4.44 19.53
C HIS A 111 19.20 -5.66 20.36
N PHE A 112 19.42 -6.76 19.69
CA PHE A 112 20.10 -7.92 20.28
C PHE A 112 21.60 -7.79 20.11
N ALA A 113 22.38 -8.69 20.73
CA ALA A 113 23.83 -8.57 20.70
C ALA A 113 24.39 -8.71 19.30
N ALA A 114 23.81 -9.64 18.53
CA ALA A 114 24.31 -9.95 17.19
C ALA A 114 23.18 -10.64 16.43
N GLU A 115 23.50 -10.90 15.15
CA GLU A 115 22.48 -11.51 14.30
C GLU A 115 23.17 -12.39 13.26
N LEU A 116 22.65 -13.62 13.09
CA LEU A 116 23.14 -14.58 12.06
C LEU A 116 22.16 -14.53 10.89
N HIS A 117 22.69 -14.48 9.66
CA HIS A 117 21.91 -14.57 8.43
C HIS A 117 22.31 -15.80 7.64
N ILE A 118 21.31 -16.63 7.27
CA ILE A 118 21.54 -17.77 6.38
C ILE A 118 20.87 -17.41 5.05
N VAL A 119 21.70 -17.12 4.06
CA VAL A 119 21.19 -16.57 2.79
C VAL A 119 20.87 -17.74 1.87
N HIS A 120 19.69 -17.67 1.21
CA HIS A 120 19.28 -18.69 0.23
C HIS A 120 18.83 -17.98 -1.02
N TYR A 121 18.84 -18.70 -2.15
CA TYR A 121 18.37 -18.11 -3.41
C TYR A 121 17.33 -19.00 -4.08
N ASN A 122 16.55 -18.41 -4.97
CA ASN A 122 15.47 -19.19 -5.59
C ASN A 122 16.09 -20.04 -6.71
N SER A 123 16.31 -21.33 -6.43
CA SER A 123 16.97 -22.24 -7.34
C SER A 123 15.99 -22.80 -8.36
N ASP A 124 14.69 -22.67 -8.11
CA ASP A 124 13.71 -23.08 -9.11
C ASP A 124 13.74 -22.11 -10.28
N LEU A 125 14.00 -20.83 -10.01
CA LEU A 125 13.88 -19.82 -11.07
C LEU A 125 15.25 -19.47 -11.63
N TYR A 126 16.35 -19.55 -10.82
CA TYR A 126 17.64 -19.00 -11.18
C TYR A 126 18.80 -19.98 -10.99
N PRO A 127 19.89 -19.90 -11.79
CA PRO A 127 20.95 -20.90 -11.72
C PRO A 127 21.89 -20.80 -10.53
N ASP A 128 21.98 -19.59 -9.93
CA ASP A 128 22.91 -19.34 -8.87
C ASP A 128 22.52 -18.06 -8.11
N ALA A 129 23.12 -17.89 -6.95
CA ALA A 129 22.72 -16.81 -6.06
C ALA A 129 23.05 -15.45 -6.67
N SER A 130 24.17 -15.33 -7.38
CA SER A 130 24.56 -14.06 -7.95
C SER A 130 23.52 -13.60 -8.97
N THR A 131 23.12 -14.51 -9.86
CA THR A 131 22.11 -14.19 -10.84
C THR A 131 20.79 -13.86 -10.13
N ALA A 132 20.42 -14.61 -9.07
CA ALA A 132 19.14 -14.37 -8.41
C ALA A 132 19.07 -13.02 -7.69
N SER A 133 20.21 -12.49 -7.28
CA SER A 133 20.21 -11.47 -6.24
C SER A 133 19.52 -10.17 -6.66
N ASN A 134 19.47 -9.87 -7.97
CA ASN A 134 18.81 -8.66 -8.44
C ASN A 134 17.48 -8.94 -9.14
N LYS A 135 16.91 -10.12 -8.91
CA LYS A 135 15.72 -10.54 -9.62
C LYS A 135 14.56 -10.79 -8.67
N SER A 136 13.37 -10.74 -9.27
CA SER A 136 12.10 -10.90 -8.59
C SER A 136 12.12 -12.22 -7.81
N GLU A 137 11.76 -12.13 -6.52
CA GLU A 137 11.67 -13.35 -5.72
C GLU A 137 13.02 -14.05 -5.60
N GLY A 138 14.13 -13.30 -5.67
CA GLY A 138 15.43 -13.89 -5.87
C GLY A 138 15.99 -14.56 -4.61
N LEU A 139 15.77 -13.96 -3.43
CA LEU A 139 16.54 -14.38 -2.25
C LEU A 139 15.59 -14.60 -1.08
N ALA A 140 16.00 -15.46 -0.13
CA ALA A 140 15.31 -15.65 1.13
C ALA A 140 16.41 -15.72 2.18
N VAL A 141 16.25 -14.97 3.28
CA VAL A 141 17.22 -15.02 4.35
C VAL A 141 16.54 -15.42 5.64
N LEU A 142 17.20 -16.31 6.38
CA LEU A 142 16.73 -16.63 7.72
C LEU A 142 17.62 -15.84 8.68
N ALA A 143 16.96 -15.15 9.62
CA ALA A 143 17.72 -14.34 10.59
C ALA A 143 17.50 -14.88 12.00
N VAL A 144 18.63 -15.12 12.70
CA VAL A 144 18.56 -15.54 14.11
C VAL A 144 19.13 -14.42 14.98
N LEU A 145 18.34 -14.01 15.98
CA LEU A 145 18.83 -12.98 16.92
C LEU A 145 19.64 -13.68 18.01
N ILE A 146 20.76 -13.08 18.40
CA ILE A 146 21.69 -13.65 19.33
C ILE A 146 21.80 -12.76 20.56
N GLU A 147 21.71 -13.38 21.75
CA GLU A 147 21.93 -12.66 23.00
C GLU A 147 22.98 -13.37 23.84
N MET A 148 23.53 -12.64 24.82
CA MET A 148 24.51 -13.27 25.70
C MET A 148 23.79 -14.18 26.70
N GLY A 149 24.39 -15.35 26.99
CA GLY A 149 23.80 -16.29 27.93
C GLY A 149 24.79 -17.45 28.13
N SER A 150 24.27 -18.65 28.00
CA SER A 150 25.12 -19.81 28.16
C SER A 150 25.95 -20.07 26.91
N PHE A 151 27.12 -20.68 27.12
CA PHE A 151 28.01 -21.17 26.07
C PHE A 151 27.25 -22.00 25.05
N ASN A 152 27.53 -21.77 23.77
CA ASN A 152 26.82 -22.46 22.71
C ASN A 152 27.81 -23.28 21.89
N PRO A 153 27.90 -24.61 22.14
CA PRO A 153 28.82 -25.43 21.39
C PRO A 153 28.66 -25.38 19.87
N SER A 154 27.41 -25.22 19.42
CA SER A 154 27.20 -25.24 17.97
C SER A 154 27.76 -23.99 17.32
N TYR A 155 27.52 -22.82 17.93
CA TYR A 155 28.16 -21.63 17.40
C TYR A 155 29.68 -21.71 17.45
N ASP A 156 30.20 -22.44 18.45
CA ASP A 156 31.65 -22.59 18.53
C ASP A 156 32.24 -23.36 17.34
N LYS A 157 31.39 -24.14 16.62
CA LYS A 157 31.84 -24.82 15.41
C LYS A 157 32.27 -23.82 14.35
N ILE A 158 31.72 -22.59 14.42
CA ILE A 158 32.19 -21.54 13.54
C ILE A 158 33.25 -20.72 14.27
N PHE A 159 32.94 -20.32 15.51
CA PHE A 159 33.80 -19.33 16.17
C PHE A 159 35.23 -19.83 16.41
N SER A 160 35.42 -21.14 16.55
CA SER A 160 36.74 -21.72 16.78
C SER A 160 37.66 -21.52 15.58
N HIS A 161 37.08 -21.23 14.39
CA HIS A 161 37.91 -20.95 13.23
C HIS A 161 38.22 -19.47 13.05
N LEU A 162 37.65 -18.56 13.87
CA LEU A 162 37.82 -17.13 13.58
C LEU A 162 39.31 -16.73 13.55
N GLN A 163 40.10 -17.40 14.40
CA GLN A 163 41.54 -17.15 14.51
C GLN A 163 42.20 -17.17 13.13
N HIS A 164 41.71 -18.06 12.27
CA HIS A 164 42.34 -18.30 10.98
C HIS A 164 41.86 -17.39 9.87
N VAL A 165 40.87 -16.53 10.17
CA VAL A 165 40.38 -15.64 9.13
C VAL A 165 40.34 -14.21 9.66
N LYS A 166 41.37 -13.87 10.45
CA LYS A 166 41.48 -12.57 11.10
C LYS A 166 41.43 -11.41 10.10
N TYR A 167 42.09 -11.56 8.95
CA TYR A 167 42.24 -10.44 8.04
C TYR A 167 41.51 -10.64 6.73
N LYS A 168 41.18 -9.52 6.10
CA LYS A 168 40.51 -9.53 4.82
C LYS A 168 41.26 -10.42 3.81
N GLY A 169 40.51 -11.28 3.09
CA GLY A 169 41.17 -12.15 2.13
C GLY A 169 41.44 -13.55 2.68
N GLN A 170 41.58 -13.68 4.00
CA GLN A 170 41.99 -14.96 4.56
C GLN A 170 40.83 -15.95 4.53
N GLU A 171 41.16 -17.26 4.49
CA GLU A 171 40.19 -18.33 4.36
C GLU A 171 40.58 -19.51 5.23
N ALA A 172 39.57 -20.25 5.66
CA ALA A 172 39.78 -21.50 6.39
C ALA A 172 38.72 -22.49 5.93
N PHE A 173 38.94 -23.75 6.26
CA PHE A 173 37.94 -24.76 6.00
C PHE A 173 37.30 -25.22 7.31
N VAL A 174 35.96 -25.38 7.25
CA VAL A 174 35.17 -25.82 8.37
C VAL A 174 34.54 -27.16 8.03
N PRO A 175 34.69 -28.23 8.85
CA PRO A 175 34.06 -29.51 8.56
C PRO A 175 32.56 -29.37 8.68
N GLY A 176 31.82 -30.08 7.83
CA GLY A 176 30.38 -30.07 7.91
C GLY A 176 29.90 -30.37 9.32
N PHE A 177 28.87 -29.61 9.71
CA PHE A 177 28.08 -29.85 10.89
C PHE A 177 26.62 -29.48 10.59
N ASN A 178 25.73 -29.76 11.53
CA ASN A 178 24.29 -29.59 11.35
C ASN A 178 23.95 -28.11 11.57
N ILE A 179 23.81 -27.37 10.47
CA ILE A 179 23.47 -25.96 10.56
C ILE A 179 22.13 -25.75 11.31
N GLU A 180 21.24 -26.75 11.39
CA GLU A 180 20.01 -26.51 12.14
C GLU A 180 20.32 -26.22 13.62
N GLU A 181 21.51 -26.64 14.10
CA GLU A 181 21.90 -26.41 15.48
C GLU A 181 22.06 -24.90 15.77
N LEU A 182 22.20 -24.07 14.72
CA LEU A 182 22.31 -22.63 14.96
C LEU A 182 20.96 -21.93 15.10
N LEU A 183 19.88 -22.64 14.79
CA LEU A 183 18.54 -22.08 14.84
C LEU A 183 18.01 -22.12 16.28
N PRO A 184 17.13 -21.19 16.64
CA PRO A 184 16.57 -21.12 17.98
C PRO A 184 15.49 -22.16 18.21
N GLU A 185 14.96 -22.14 19.43
CA GLU A 185 13.78 -22.91 19.77
C GLU A 185 12.56 -22.39 19.01
N ARG A 186 11.66 -23.33 18.67
CA ARG A 186 10.35 -22.97 18.17
C ARG A 186 10.54 -22.11 16.92
N THR A 187 11.22 -22.72 15.96
CA THR A 187 11.34 -22.10 14.65
C THR A 187 10.00 -21.90 13.96
N ALA A 188 8.93 -22.57 14.39
CA ALA A 188 7.62 -22.25 13.82
C ALA A 188 7.18 -20.79 14.07
N GLU A 189 7.80 -20.13 15.07
CA GLU A 189 7.46 -18.78 15.49
C GLU A 189 8.42 -17.81 14.80
N TYR A 190 7.89 -16.98 13.88
CA TYR A 190 8.75 -16.07 13.13
C TYR A 190 7.99 -14.84 12.63
N TYR A 191 8.77 -13.80 12.32
CA TYR A 191 8.32 -12.60 11.62
C TYR A 191 8.66 -12.74 10.13
N ARG A 192 7.80 -12.23 9.28
CA ARG A 192 8.04 -12.40 7.83
C ARG A 192 7.67 -11.08 7.14
N TYR A 193 8.56 -10.60 6.30
CA TYR A 193 8.30 -9.41 5.50
C TYR A 193 9.17 -9.39 4.24
N ARG A 194 8.74 -8.65 3.22
N ARG A 194 8.75 -8.61 3.26
CA ARG A 194 9.59 -8.46 2.04
CA ARG A 194 9.53 -8.36 2.03
C ARG A 194 10.47 -7.24 2.21
C ARG A 194 10.48 -7.20 2.22
N GLY A 195 11.77 -7.46 1.96
CA GLY A 195 12.74 -6.38 2.09
C GLY A 195 13.93 -6.55 1.17
N SER A 196 15.12 -6.22 1.69
CA SER A 196 16.28 -6.03 0.83
C SER A 196 17.51 -6.70 1.47
N LEU A 197 18.58 -6.78 0.69
CA LEU A 197 19.90 -6.98 1.28
C LEU A 197 20.12 -5.84 2.27
N THR A 198 20.78 -6.11 3.40
CA THR A 198 21.10 -5.01 4.32
C THR A 198 22.49 -4.43 4.05
N THR A 199 23.16 -4.93 2.97
CA THR A 199 24.45 -4.44 2.55
C THR A 199 24.33 -4.09 1.08
N PRO A 200 25.26 -3.25 0.57
CA PRO A 200 25.29 -3.03 -0.88
C PRO A 200 25.34 -4.39 -1.58
N PRO A 201 24.66 -4.55 -2.71
CA PRO A 201 23.94 -3.48 -3.41
C PRO A 201 22.51 -3.17 -2.97
N CYS A 202 22.03 -3.75 -1.84
CA CYS A 202 20.73 -3.41 -1.23
C CYS A 202 19.53 -3.76 -2.10
N ASN A 203 19.67 -4.80 -2.95
CA ASN A 203 18.58 -5.11 -3.88
C ASN A 203 17.34 -5.49 -3.11
N PRO A 204 16.16 -4.98 -3.50
CA PRO A 204 14.92 -5.23 -2.76
C PRO A 204 14.29 -6.56 -3.14
N THR A 205 15.10 -7.62 -2.97
CA THR A 205 14.76 -8.93 -3.49
C THR A 205 14.76 -10.03 -2.42
N VAL A 206 14.69 -9.64 -1.13
CA VAL A 206 14.77 -10.61 -0.04
C VAL A 206 13.44 -10.83 0.64
N LEU A 207 13.04 -12.08 0.77
CA LEU A 207 11.96 -12.50 1.66
C LEU A 207 12.62 -12.80 3.00
N TRP A 208 12.35 -11.95 3.98
CA TRP A 208 12.91 -12.10 5.33
C TRP A 208 12.08 -13.00 6.20
N THR A 209 12.79 -13.88 6.93
CA THR A 209 12.22 -14.66 8.01
C THR A 209 13.08 -14.42 9.24
N VAL A 210 12.51 -13.73 10.26
CA VAL A 210 13.29 -13.45 11.48
C VAL A 210 12.68 -14.29 12.58
N PHE A 211 13.40 -15.27 13.12
CA PHE A 211 12.82 -16.10 14.16
C PHE A 211 12.48 -15.26 15.38
N ARG A 212 11.34 -15.62 15.98
CA ARG A 212 10.90 -14.88 17.18
C ARG A 212 11.87 -15.01 18.36
N ASN A 213 12.38 -16.23 18.58
CA ASN A 213 13.19 -16.49 19.79
C ASN A 213 14.68 -16.35 19.47
N PRO A 214 15.48 -15.70 20.36
CA PRO A 214 16.91 -15.64 20.18
C PRO A 214 17.61 -16.93 20.64
N VAL A 215 18.83 -17.06 20.15
CA VAL A 215 19.76 -18.03 20.72
C VAL A 215 20.71 -17.32 21.69
N GLN A 216 21.45 -18.13 22.47
N GLN A 216 21.38 -18.08 22.57
CA GLN A 216 22.47 -17.65 23.41
CA GLN A 216 22.34 -17.52 23.53
C GLN A 216 23.85 -18.09 23.00
C GLN A 216 23.74 -18.05 23.20
N ILE A 217 24.78 -17.18 23.25
CA ILE A 217 26.20 -17.50 23.23
C ILE A 217 26.82 -16.88 24.49
N SER A 218 27.98 -17.41 24.90
CA SER A 218 28.51 -16.89 26.15
C SER A 218 29.13 -15.49 25.97
N GLN A 219 29.39 -14.82 27.12
N GLN A 219 29.38 -14.83 27.12
CA GLN A 219 30.13 -13.55 27.16
CA GLN A 219 30.06 -13.54 27.06
C GLN A 219 31.44 -13.67 26.40
C GLN A 219 31.44 -13.66 26.39
N GLU A 220 32.14 -14.79 26.57
CA GLU A 220 33.43 -14.99 25.94
C GLU A 220 33.26 -15.20 24.44
N GLN A 221 32.19 -15.91 24.03
CA GLN A 221 32.03 -16.11 22.59
C GLN A 221 31.66 -14.79 21.89
N LEU A 222 30.82 -14.00 22.56
CA LEU A 222 30.41 -12.74 21.96
C LEU A 222 31.61 -11.81 21.87
N LEU A 223 32.47 -11.83 22.92
CA LEU A 223 33.64 -10.98 22.85
C LEU A 223 34.63 -11.45 21.79
N ALA A 224 34.76 -12.77 21.60
CA ALA A 224 35.62 -13.26 20.54
C ALA A 224 35.15 -12.77 19.18
N LEU A 225 33.84 -12.87 18.95
CA LEU A 225 33.30 -12.43 17.66
C LEU A 225 33.59 -10.94 17.43
N GLU A 226 33.42 -10.14 18.48
CA GLU A 226 33.63 -8.71 18.37
C GLU A 226 35.09 -8.33 18.18
N THR A 227 36.04 -9.18 18.59
CA THR A 227 37.43 -8.78 18.69
C THR A 227 38.35 -9.56 17.76
N ALA A 228 37.85 -10.61 17.09
CA ALA A 228 38.72 -11.54 16.37
C ALA A 228 39.12 -11.02 14.99
N LEU A 229 38.30 -10.12 14.41
CA LEU A 229 38.42 -9.87 12.98
C LEU A 229 38.76 -8.42 12.69
N TYR A 230 39.43 -8.26 11.56
CA TYR A 230 39.75 -6.96 10.98
C TYR A 230 39.13 -6.86 9.58
N CYS A 231 38.81 -5.63 9.15
CA CYS A 231 38.26 -5.35 7.84
C CYS A 231 39.36 -5.28 6.79
N THR A 232 40.59 -5.06 7.29
CA THR A 232 41.72 -4.72 6.43
C THR A 232 42.58 -5.96 6.15
N HIS A 233 43.42 -5.83 5.10
CA HIS A 233 44.38 -6.87 4.75
C HIS A 233 45.47 -6.89 5.83
N MET A 234 46.09 -8.07 5.97
CA MET A 234 47.09 -8.32 6.99
C MET A 234 48.20 -7.26 6.94
N ASP A 235 48.60 -6.82 5.75
N ASP A 235 48.60 -6.81 5.75
CA ASP A 235 49.75 -5.95 5.63
CA ASP A 235 49.78 -5.97 5.68
C ASP A 235 49.34 -4.50 5.34
C ASP A 235 49.42 -4.48 5.63
N ASP A 236 48.13 -4.14 5.79
CA ASP A 236 47.66 -2.77 5.78
C ASP A 236 48.30 -2.06 6.97
N PRO A 237 49.02 -0.94 6.73
CA PRO A 237 49.64 -0.15 7.82
C PRO A 237 48.65 0.57 8.74
N SER A 238 47.37 0.56 8.34
CA SER A 238 46.35 1.24 9.11
C SER A 238 45.21 0.26 9.39
N PRO A 239 45.36 -0.71 10.31
CA PRO A 239 44.35 -1.77 10.45
C PRO A 239 43.04 -1.20 11.02
N ARG A 240 41.91 -1.76 10.58
CA ARG A 240 40.60 -1.38 11.10
C ARG A 240 39.93 -2.62 11.67
N GLU A 241 39.47 -2.54 12.91
CA GLU A 241 38.75 -3.68 13.48
C GLU A 241 37.40 -3.86 12.79
N MET A 242 36.95 -5.12 12.66
CA MET A 242 35.62 -5.39 12.11
C MET A 242 34.66 -5.38 13.28
N ILE A 243 34.03 -4.20 13.51
CA ILE A 243 33.03 -3.99 14.55
C ILE A 243 31.88 -3.20 13.97
N ASN A 244 30.74 -3.25 14.66
CA ASN A 244 29.60 -2.41 14.32
C ASN A 244 29.25 -2.58 12.83
N ASN A 245 29.23 -3.85 12.38
CA ASN A 245 28.98 -4.15 10.95
C ASN A 245 27.50 -4.46 10.74
N PHE A 246 26.64 -3.54 11.19
CA PHE A 246 25.19 -3.65 10.97
C PHE A 246 24.72 -2.33 10.39
N ARG A 247 23.64 -2.40 9.65
CA ARG A 247 22.99 -1.21 9.10
C ARG A 247 21.98 -0.70 10.13
N GLN A 248 21.86 0.63 10.23
CA GLN A 248 20.75 1.20 10.98
C GLN A 248 19.39 0.81 10.41
N VAL A 249 18.38 0.74 11.27
CA VAL A 249 17.04 0.42 10.81
C VAL A 249 16.50 1.49 9.84
N GLN A 250 15.70 1.00 8.88
CA GLN A 250 15.17 1.87 7.82
C GLN A 250 13.74 2.24 8.18
N LYS A 251 13.24 3.33 7.58
CA LYS A 251 11.83 3.66 7.72
C LYS A 251 10.99 2.55 7.09
N PHE A 252 9.83 2.28 7.72
CA PHE A 252 8.89 1.27 7.26
C PHE A 252 7.46 1.76 7.52
N ASP A 253 6.87 2.41 6.52
CA ASP A 253 5.58 3.08 6.77
C ASP A 253 4.50 2.47 5.87
N GLU A 254 3.29 2.41 6.44
CA GLU A 254 2.11 1.88 5.78
C GLU A 254 2.37 0.44 5.33
N ARG A 255 3.10 -0.30 6.16
N ARG A 255 3.11 -0.30 6.17
CA ARG A 255 3.43 -1.69 5.88
CA ARG A 255 3.44 -1.68 5.89
C ARG A 255 3.33 -2.51 7.15
C ARG A 255 3.29 -2.51 7.16
N LEU A 256 3.06 -3.81 6.97
CA LEU A 256 2.97 -4.73 8.09
C LEU A 256 4.14 -5.70 8.04
N VAL A 257 4.43 -6.25 9.21
CA VAL A 257 5.23 -7.46 9.31
C VAL A 257 4.26 -8.54 9.76
N TYR A 258 4.24 -9.64 9.03
CA TYR A 258 3.35 -10.71 9.35
C TYR A 258 4.03 -11.64 10.33
N THR A 259 3.26 -12.21 11.24
CA THR A 259 3.81 -13.13 12.24
C THR A 259 3.14 -14.49 12.16
N SER A 260 3.88 -15.55 12.45
CA SER A 260 3.31 -16.89 12.42
C SER A 260 2.70 -17.24 13.77
N PHE A 261 2.78 -16.29 14.70
CA PHE A 261 2.33 -16.52 16.06
C PHE A 261 1.37 -15.40 16.38
N SER A 262 0.43 -15.70 17.28
CA SER A 262 -0.37 -14.60 17.80
C SER A 262 0.01 -14.39 19.26
N GLN A 263 -0.09 -15.48 20.05
CA GLN A 263 -0.05 -15.46 21.51
C GLN A 263 1.00 -14.45 22.01
N LYS B 3 14.90 20.40 -2.64
CA LYS B 3 14.68 19.16 -3.47
C LYS B 3 14.55 17.94 -2.56
N TRP B 4 15.43 17.89 -1.53
CA TRP B 4 15.53 16.76 -0.64
C TRP B 4 14.20 16.57 0.07
N THR B 5 13.97 15.31 0.51
CA THR B 5 12.72 14.98 1.17
C THR B 5 12.98 13.96 2.28
N TYR B 6 11.91 13.47 2.91
CA TYR B 6 12.08 12.40 3.87
C TYR B 6 11.51 11.06 3.38
N PHE B 7 11.11 11.01 2.11
CA PHE B 7 10.43 9.82 1.62
C PHE B 7 10.64 9.73 0.12
N GLY B 8 11.12 8.56 -0.33
CA GLY B 8 11.20 8.25 -1.74
C GLY B 8 12.62 8.48 -2.24
N PRO B 9 12.84 8.76 -3.54
CA PRO B 9 14.17 8.75 -4.11
C PRO B 9 15.10 9.84 -3.64
N ASP B 10 14.52 10.93 -3.10
CA ASP B 10 15.25 12.06 -2.60
C ASP B 10 15.30 12.06 -1.06
N GLY B 11 14.94 10.89 -0.47
CA GLY B 11 14.93 10.72 0.99
C GLY B 11 16.33 10.56 1.59
N GLU B 12 16.36 10.25 2.89
CA GLU B 12 17.54 10.47 3.71
C GLU B 12 18.76 9.64 3.28
N ASN B 13 18.55 8.42 2.72
CA ASN B 13 19.70 7.61 2.30
C ASN B 13 20.38 8.20 1.05
N SER B 14 19.68 9.18 0.44
CA SER B 14 20.22 9.84 -0.76
C SER B 14 20.77 11.23 -0.49
N TRP B 15 20.58 11.79 0.71
CA TRP B 15 20.98 13.17 0.94
C TRP B 15 22.46 13.36 0.63
N SER B 16 23.31 12.41 0.99
CA SER B 16 24.76 12.55 0.81
C SER B 16 25.19 12.72 -0.66
N LYS B 17 24.31 12.35 -1.59
CA LYS B 17 24.63 12.52 -3.01
C LYS B 17 24.78 13.98 -3.34
N LYS B 18 24.04 14.85 -2.67
CA LYS B 18 24.10 16.29 -2.96
C LYS B 18 24.72 17.09 -1.83
N TYR B 19 24.75 16.50 -0.61
CA TYR B 19 25.16 17.21 0.59
C TYR B 19 26.17 16.34 1.33
N PRO B 20 27.46 16.43 0.98
CA PRO B 20 28.47 15.51 1.47
C PRO B 20 28.51 15.35 2.98
N SER B 21 28.24 16.42 3.72
CA SER B 21 28.34 16.31 5.17
C SER B 21 27.31 15.32 5.73
N CYS B 22 26.25 15.03 4.98
CA CYS B 22 25.22 14.09 5.44
C CYS B 22 25.80 12.69 5.50
N GLY B 23 26.94 12.43 4.81
CA GLY B 23 27.62 11.14 4.88
C GLY B 23 28.90 11.24 5.69
N GLY B 24 29.08 12.34 6.42
CA GLY B 24 30.31 12.63 7.16
C GLY B 24 30.22 12.16 8.59
N LEU B 25 31.09 12.77 9.38
CA LEU B 25 31.15 12.42 10.79
C LEU B 25 30.21 13.31 11.58
N LEU B 26 30.01 12.90 12.84
CA LEU B 26 29.32 13.65 13.88
C LEU B 26 27.86 13.86 13.54
N GLN B 27 27.20 12.87 12.95
CA GLN B 27 25.82 13.11 12.51
C GLN B 27 24.80 12.93 13.64
N SER B 28 23.73 13.71 13.55
CA SER B 28 22.57 13.64 14.43
C SER B 28 21.35 13.26 13.63
N PRO B 29 20.25 12.75 14.23
CA PRO B 29 20.13 12.50 15.68
C PRO B 29 20.68 11.13 16.05
N ILE B 30 20.60 10.82 17.35
CA ILE B 30 21.11 9.54 17.89
C ILE B 30 20.15 8.96 18.92
N ASP B 31 20.34 7.65 19.18
CA ASP B 31 19.62 6.99 20.24
C ASP B 31 20.37 7.16 21.54
N LEU B 32 19.67 7.71 22.54
CA LEU B 32 20.26 7.93 23.85
C LEU B 32 20.05 6.67 24.66
N HIS B 33 21.13 5.92 24.94
CA HIS B 33 21.00 4.69 25.72
C HIS B 33 22.23 4.53 26.60
N SER B 34 22.08 3.64 27.61
CA SER B 34 23.00 3.62 28.73
C SER B 34 24.43 3.39 28.29
N ASP B 35 24.71 2.56 27.28
CA ASP B 35 26.10 2.21 27.00
C ASP B 35 26.96 3.41 26.61
N ILE B 36 26.33 4.49 26.11
CA ILE B 36 27.06 5.61 25.56
C ILE B 36 26.88 6.87 26.42
N LEU B 37 26.21 6.73 27.56
CA LEU B 37 26.02 7.87 28.46
C LEU B 37 27.12 7.96 29.51
N GLN B 38 27.44 9.19 29.93
CA GLN B 38 28.42 9.33 31.02
C GLN B 38 28.09 10.63 31.75
N TYR B 39 27.99 10.53 33.08
CA TYR B 39 27.70 11.70 33.88
C TYR B 39 28.88 12.65 33.83
N ASP B 40 28.57 13.95 33.69
CA ASP B 40 29.59 14.98 33.70
C ASP B 40 29.12 16.08 34.65
N ALA B 41 29.74 16.20 35.83
CA ALA B 41 29.33 17.18 36.84
C ALA B 41 29.56 18.63 36.41
N SER B 42 30.36 18.84 35.33
N SER B 42 30.34 18.89 35.35
CA SER B 42 30.64 20.16 34.78
CA SER B 42 30.51 20.29 34.98
C SER B 42 29.46 20.74 33.98
C SER B 42 29.41 20.79 34.03
N LEU B 43 28.44 19.92 33.74
CA LEU B 43 27.28 20.36 32.97
C LEU B 43 26.30 21.07 33.90
N THR B 44 26.56 22.38 34.05
CA THR B 44 25.81 23.25 34.94
C THR B 44 24.54 23.73 34.25
N PRO B 45 23.56 24.31 34.99
CA PRO B 45 22.27 24.70 34.42
C PRO B 45 22.39 25.82 33.39
N LEU B 46 21.62 25.68 32.29
CA LEU B 46 21.54 26.82 31.39
C LEU B 46 20.54 27.80 31.97
N GLU B 47 20.74 29.06 31.56
CA GLU B 47 19.75 30.09 31.85
C GLU B 47 19.19 30.65 30.53
N PHE B 48 17.87 30.81 30.49
CA PHE B 48 17.15 31.22 29.29
C PHE B 48 16.78 32.69 29.41
N GLN B 49 17.46 33.50 28.60
CA GLN B 49 17.32 34.95 28.75
C GLN B 49 16.53 35.52 27.57
N GLY B 50 15.58 36.42 27.86
CA GLY B 50 14.80 37.05 26.78
C GLY B 50 13.89 36.07 26.05
N TYR B 51 13.56 34.94 26.71
CA TYR B 51 12.60 34.01 26.13
C TYR B 51 11.16 34.51 26.22
N ASN B 52 10.89 35.46 27.13
CA ASN B 52 9.52 35.89 27.35
C ASN B 52 9.18 36.99 26.36
N LEU B 53 8.86 36.59 25.11
CA LEU B 53 8.68 37.57 24.04
C LEU B 53 7.38 38.37 24.33
N SER B 54 7.46 39.67 24.00
CA SER B 54 6.32 40.55 24.21
C SER B 54 5.12 40.09 23.37
N ALA B 55 3.98 39.97 24.07
CA ALA B 55 2.70 39.62 23.46
C ALA B 55 2.19 40.72 22.54
N ASN B 56 2.79 41.92 22.61
CA ASN B 56 2.38 42.99 21.74
C ASN B 56 3.23 43.03 20.48
N LYS B 57 4.30 42.21 20.41
CA LYS B 57 5.13 42.08 19.23
C LYS B 57 4.72 40.80 18.49
N GLN B 58 5.11 40.71 17.21
CA GLN B 58 4.78 39.52 16.43
C GLN B 58 6.00 38.99 15.72
N PHE B 59 5.98 37.66 15.56
CA PHE B 59 7.15 36.91 15.09
C PHE B 59 6.73 36.07 13.89
N LEU B 60 7.62 35.96 12.93
CA LEU B 60 7.22 35.36 11.66
C LEU B 60 7.29 33.84 11.72
N LEU B 61 6.17 33.20 11.37
CA LEU B 61 6.04 31.76 11.20
C LEU B 61 6.11 31.47 9.70
N THR B 62 6.89 30.44 9.28
CA THR B 62 7.04 30.21 7.85
C THR B 62 7.09 28.70 7.62
N ASN B 63 6.38 28.25 6.57
CA ASN B 63 6.52 26.90 6.09
C ASN B 63 7.64 26.89 5.08
N ASN B 64 8.70 26.14 5.40
CA ASN B 64 9.89 26.21 4.53
C ASN B 64 9.97 25.00 3.60
N GLY B 65 8.90 24.20 3.52
CA GLY B 65 8.92 23.01 2.66
C GLY B 65 9.36 21.76 3.40
N HIS B 66 9.99 21.93 4.59
CA HIS B 66 10.53 20.80 5.35
C HIS B 66 10.03 20.70 6.80
N SER B 67 9.63 21.83 7.38
N SER B 67 9.70 21.86 7.39
CA SER B 67 9.07 21.95 8.73
CA SER B 67 9.24 22.01 8.77
C SER B 67 8.27 23.24 8.77
C SER B 67 8.39 23.27 8.80
N VAL B 68 7.79 23.55 9.96
CA VAL B 68 7.29 24.89 10.16
C VAL B 68 8.28 25.54 11.13
N LYS B 69 8.72 26.77 10.82
CA LYS B 69 9.68 27.47 11.71
C LYS B 69 9.08 28.80 12.18
N LEU B 70 9.46 29.18 13.41
CA LEU B 70 9.17 30.49 13.97
C LEU B 70 10.50 31.21 14.12
N ASN B 71 10.58 32.43 13.54
CA ASN B 71 11.78 33.27 13.70
C ASN B 71 11.80 33.86 15.11
N LEU B 72 13.01 33.93 15.68
CA LEU B 72 13.16 34.37 17.05
C LEU B 72 14.19 35.51 17.03
N PRO B 73 14.07 36.45 17.98
CA PRO B 73 14.91 37.64 17.98
C PRO B 73 16.26 37.37 18.63
N SER B 74 17.27 38.08 18.16
CA SER B 74 18.62 37.79 18.65
C SER B 74 18.84 38.25 20.09
N ASP B 75 17.92 39.03 20.68
CA ASP B 75 18.07 39.35 22.09
C ASP B 75 17.78 38.15 22.98
N MET B 76 17.08 37.15 22.42
CA MET B 76 16.79 35.92 23.16
C MET B 76 18.05 35.06 23.12
N HIS B 77 18.52 34.61 24.30
CA HIS B 77 19.76 33.84 24.27
C HIS B 77 19.91 32.87 25.41
N ILE B 78 20.89 31.97 25.21
CA ILE B 78 21.23 31.07 26.34
C ILE B 78 22.46 31.64 27.04
N GLN B 79 22.39 31.62 28.38
CA GLN B 79 23.52 31.94 29.27
C GLN B 79 23.97 30.62 29.91
N GLY B 80 25.28 30.35 29.85
CA GLY B 80 25.82 29.16 30.50
C GLY B 80 26.78 28.33 29.65
N LEU B 81 26.71 28.51 28.32
CA LEU B 81 27.70 27.92 27.44
C LEU B 81 28.97 28.78 27.43
N GLN B 82 29.94 28.39 26.60
CA GLN B 82 31.23 29.06 26.67
C GLN B 82 31.27 30.33 25.83
N SER B 83 30.26 30.51 24.96
CA SER B 83 29.94 31.79 24.34
C SER B 83 28.44 32.02 24.54
N ARG B 84 27.99 33.27 24.35
CA ARG B 84 26.57 33.53 24.24
C ARG B 84 26.06 32.92 22.94
N TYR B 85 24.93 32.17 23.06
CA TYR B 85 24.27 31.70 21.87
C TYR B 85 22.91 32.35 21.78
N SER B 86 22.69 33.06 20.67
CA SER B 86 21.45 33.81 20.50
C SER B 86 20.53 33.00 19.61
N ALA B 87 19.24 33.15 19.93
CA ALA B 87 18.19 32.41 19.21
C ALA B 87 18.13 32.90 17.76
N THR B 88 17.75 31.98 16.86
CA THR B 88 17.44 32.34 15.49
C THR B 88 16.08 31.79 15.01
N GLN B 89 15.73 30.55 15.43
N GLN B 89 15.75 30.52 15.37
CA GLN B 89 14.45 30.01 15.01
CA GLN B 89 14.44 29.99 14.98
C GLN B 89 14.11 28.81 15.88
C GLN B 89 14.12 28.78 15.86
N LEU B 90 12.83 28.43 15.89
CA LEU B 90 12.45 27.11 16.41
C LEU B 90 11.62 26.40 15.35
N HIS B 91 11.59 25.05 15.41
CA HIS B 91 10.80 24.27 14.46
C HIS B 91 10.53 22.91 15.07
N LEU B 92 9.74 22.10 14.35
CA LEU B 92 9.39 20.79 14.91
C LEU B 92 9.64 19.67 13.91
N HIS B 93 9.58 18.46 14.44
CA HIS B 93 9.61 17.21 13.66
C HIS B 93 8.55 16.26 14.20
N TRP B 94 7.87 15.53 13.32
CA TRP B 94 6.71 14.73 13.74
C TRP B 94 6.50 13.60 12.77
N GLY B 95 5.52 12.76 13.12
CA GLY B 95 5.18 11.52 12.42
C GLY B 95 3.99 11.69 11.47
N ASN B 96 2.94 10.90 11.66
CA ASN B 96 1.77 11.02 10.80
C ASN B 96 0.55 10.59 11.59
N PRO B 97 -0.68 10.84 11.10
CA PRO B 97 -1.86 10.54 11.88
C PRO B 97 -2.01 9.11 12.37
N ASN B 98 -1.49 8.18 11.57
CA ASN B 98 -1.67 6.76 11.84
C ASN B 98 -0.47 6.22 12.60
N ASP B 99 0.57 7.02 12.77
CA ASP B 99 1.73 6.60 13.54
C ASP B 99 2.40 7.86 14.14
N PRO B 100 1.90 8.34 15.30
CA PRO B 100 2.36 9.61 15.89
C PRO B 100 3.64 9.37 16.68
N HIS B 101 4.72 9.00 15.99
CA HIS B 101 5.99 8.68 16.64
C HIS B 101 7.20 9.16 15.84
N GLY B 102 7.29 10.47 15.75
CA GLY B 102 8.19 11.15 14.83
C GLY B 102 9.26 12.01 15.52
N SER B 103 9.66 11.74 16.79
CA SER B 103 10.83 12.43 17.30
C SER B 103 12.08 12.03 16.51
N GLU B 104 13.12 12.87 16.57
CA GLU B 104 14.40 12.55 15.95
C GLU B 104 15.29 11.76 16.90
N HIS B 105 15.61 12.32 18.05
CA HIS B 105 16.28 11.52 19.08
C HIS B 105 15.31 10.46 19.60
N THR B 106 15.92 9.32 19.96
CA THR B 106 15.18 8.27 20.64
C THR B 106 15.83 8.03 22.00
N VAL B 107 15.04 7.40 22.92
CA VAL B 107 15.59 7.10 24.24
C VAL B 107 15.42 5.61 24.48
N SER B 108 16.55 4.93 24.68
CA SER B 108 16.57 3.47 24.80
C SER B 108 15.69 2.82 23.71
N GLY B 109 15.88 3.26 22.46
CA GLY B 109 15.23 2.66 21.32
C GLY B 109 13.80 3.13 21.00
N GLN B 110 13.23 4.03 21.84
CA GLN B 110 11.84 4.42 21.64
C GLN B 110 11.74 5.86 21.13
N HIS B 111 10.88 6.03 20.13
CA HIS B 111 10.54 7.35 19.64
C HIS B 111 9.52 7.99 20.55
N PHE B 112 9.62 9.30 20.69
CA PHE B 112 8.55 10.12 21.21
C PHE B 112 7.64 10.58 20.05
N ALA B 113 6.53 11.23 20.39
CA ALA B 113 5.57 11.60 19.36
C ALA B 113 6.15 12.64 18.41
N ALA B 114 6.91 13.58 18.95
CA ALA B 114 7.43 14.73 18.17
C ALA B 114 8.61 15.31 18.92
N GLU B 115 9.22 16.35 18.27
CA GLU B 115 10.40 16.97 18.85
C GLU B 115 10.44 18.43 18.45
N LEU B 116 10.74 19.30 19.41
CA LEU B 116 10.91 20.72 19.16
C LEU B 116 12.40 21.01 19.21
N HIS B 117 12.88 21.76 18.23
CA HIS B 117 14.26 22.25 18.25
C HIS B 117 14.32 23.77 18.30
N ILE B 118 15.07 24.31 19.27
CA ILE B 118 15.23 25.76 19.32
C ILE B 118 16.68 26.06 18.96
N VAL B 119 16.90 26.66 17.77
CA VAL B 119 18.22 26.78 17.18
C VAL B 119 18.79 28.12 17.60
N HIS B 120 20.02 28.08 18.11
CA HIS B 120 20.78 29.27 18.52
C HIS B 120 22.11 29.27 17.78
N TYR B 121 22.75 30.44 17.68
CA TYR B 121 24.04 30.53 17.03
C TYR B 121 24.98 31.36 17.92
N ASN B 122 26.30 31.13 17.78
CA ASN B 122 27.30 31.87 18.54
C ASN B 122 27.39 33.34 18.06
N SER B 123 26.64 34.21 18.72
CA SER B 123 26.58 35.61 18.28
C SER B 123 27.81 36.38 18.75
N ASP B 124 28.59 35.80 19.65
CA ASP B 124 29.84 36.45 20.06
C ASP B 124 30.84 36.47 18.91
N LEU B 125 30.84 35.41 18.11
CA LEU B 125 31.80 35.16 17.03
C LEU B 125 31.24 35.50 15.66
N TYR B 126 29.92 35.29 15.44
CA TYR B 126 29.39 35.37 14.08
C TYR B 126 28.23 36.36 14.03
N PRO B 127 28.07 37.08 12.91
CA PRO B 127 27.02 38.08 12.83
C PRO B 127 25.66 37.54 12.42
N ASP B 128 25.58 36.23 12.10
CA ASP B 128 24.28 35.67 11.82
C ASP B 128 24.39 34.15 11.85
N ALA B 129 23.24 33.46 11.91
CA ALA B 129 23.21 32.01 12.03
C ALA B 129 23.75 31.28 10.80
N SER B 130 23.51 31.83 9.60
N SER B 130 23.51 31.85 9.60
CA SER B 130 24.01 31.15 8.41
CA SER B 130 24.00 31.22 8.37
C SER B 130 25.54 31.08 8.41
C SER B 130 25.53 31.09 8.40
N THR B 131 26.22 32.21 8.70
CA THR B 131 27.67 32.19 8.85
C THR B 131 28.13 31.18 9.90
N ALA B 132 27.46 31.17 11.07
CA ALA B 132 27.81 30.30 12.18
C ALA B 132 27.65 28.83 11.77
N SER B 133 26.71 28.54 10.86
CA SER B 133 26.27 27.16 10.63
C SER B 133 27.36 26.30 10.02
N ASN B 134 28.38 26.90 9.39
CA ASN B 134 29.42 25.99 8.93
C ASN B 134 30.71 26.19 9.71
N LYS B 135 30.64 26.64 10.98
CA LYS B 135 31.83 26.81 11.81
C LYS B 135 31.72 25.92 13.04
N SER B 136 32.84 25.45 13.60
CA SER B 136 32.77 24.43 14.64
C SER B 136 32.07 25.01 15.87
N GLU B 137 31.09 24.26 16.40
CA GLU B 137 30.27 24.68 17.53
C GLU B 137 29.65 26.06 17.27
N GLY B 138 29.39 26.39 15.99
CA GLY B 138 28.71 27.61 15.59
C GLY B 138 27.25 27.63 16.01
N LEU B 139 26.64 26.46 16.23
CA LEU B 139 25.24 26.40 16.60
C LEU B 139 25.07 25.65 17.91
N ALA B 140 24.00 25.99 18.61
CA ALA B 140 23.60 25.22 19.79
C ALA B 140 22.10 25.04 19.65
N VAL B 141 21.64 23.78 19.67
CA VAL B 141 20.22 23.52 19.58
C VAL B 141 19.73 22.96 20.90
N LEU B 142 18.59 23.44 21.37
CA LEU B 142 17.88 22.80 22.48
C LEU B 142 16.78 21.91 21.93
N ALA B 143 16.72 20.64 22.38
CA ALA B 143 15.73 19.72 21.91
C ALA B 143 14.79 19.34 23.04
N VAL B 144 13.49 19.47 22.75
CA VAL B 144 12.46 19.02 23.70
C VAL B 144 11.73 17.86 23.06
N LEU B 145 11.74 16.72 23.78
CA LEU B 145 10.98 15.53 23.37
C LEU B 145 9.51 15.74 23.74
N ILE B 146 8.62 15.38 22.80
CA ILE B 146 7.20 15.64 22.98
C ILE B 146 6.45 14.31 22.97
N GLU B 147 5.66 14.08 24.03
CA GLU B 147 4.84 12.87 24.13
C GLU B 147 3.35 13.24 23.98
N MET B 148 2.57 12.26 23.54
CA MET B 148 1.12 12.41 23.52
C MET B 148 0.59 12.38 24.95
N GLY B 149 -0.16 13.44 25.28
CA GLY B 149 -0.57 13.64 26.69
C GLY B 149 -1.71 14.67 26.76
N SER B 150 -1.59 15.52 27.78
CA SER B 150 -2.49 16.66 27.97
C SER B 150 -2.32 17.74 26.90
N PHE B 151 -3.48 18.39 26.64
CA PHE B 151 -3.47 19.60 25.82
C PHE B 151 -2.50 20.61 26.43
N ASN B 152 -1.74 21.26 25.51
CA ASN B 152 -0.69 22.16 25.94
C ASN B 152 -0.98 23.55 25.39
N PRO B 153 -1.50 24.48 26.19
CA PRO B 153 -1.86 25.80 25.68
C PRO B 153 -0.66 26.58 25.12
N SER B 154 0.55 26.33 25.65
CA SER B 154 1.71 27.08 25.16
C SER B 154 2.10 26.65 23.74
N TYR B 155 2.10 25.33 23.49
CA TYR B 155 2.37 24.88 22.12
C TYR B 155 1.24 25.30 21.18
N ASP B 156 0.00 25.41 21.68
CA ASP B 156 -1.08 25.85 20.83
C ASP B 156 -0.89 27.29 20.35
N LYS B 157 -0.05 28.08 21.04
CA LYS B 157 0.20 29.42 20.54
C LYS B 157 0.89 29.32 19.17
N ILE B 158 1.56 28.19 18.89
CA ILE B 158 2.11 27.96 17.54
C ILE B 158 1.05 27.27 16.71
N PHE B 159 0.47 26.18 17.21
CA PHE B 159 -0.32 25.29 16.38
C PHE B 159 -1.59 25.97 15.89
N SER B 160 -2.07 26.98 16.60
CA SER B 160 -3.31 27.64 16.17
C SER B 160 -3.09 28.42 14.89
N HIS B 161 -1.84 28.56 14.42
CA HIS B 161 -1.62 29.34 13.20
C HIS B 161 -1.27 28.45 11.99
N LEU B 162 -1.28 27.13 12.17
CA LEU B 162 -0.80 26.24 11.12
C LEU B 162 -1.62 26.36 9.85
N GLN B 163 -2.94 26.57 9.96
CA GLN B 163 -3.79 26.61 8.77
C GLN B 163 -3.49 27.82 7.91
N HIS B 164 -2.59 28.68 8.37
CA HIS B 164 -2.22 29.93 7.66
C HIS B 164 -0.79 29.81 7.11
N VAL B 165 -0.17 28.63 7.25
CA VAL B 165 1.14 28.39 6.65
C VAL B 165 1.12 26.98 6.06
N LYS B 166 -0.01 26.59 5.47
N LYS B 166 0.01 26.74 5.41
CA LYS B 166 -0.16 25.20 5.01
CA LYS B 166 -0.29 25.41 4.97
C LYS B 166 0.83 24.88 3.89
C LYS B 166 0.70 24.95 3.91
N TYR B 167 1.20 25.88 3.06
CA TYR B 167 1.98 25.54 1.89
C TYR B 167 3.39 26.15 1.95
N LYS B 168 4.31 25.52 1.22
CA LYS B 168 5.68 26.01 1.12
C LYS B 168 5.66 27.49 0.72
N GLY B 169 6.42 28.28 1.49
CA GLY B 169 6.58 29.69 1.16
C GLY B 169 5.67 30.62 1.95
N GLN B 170 4.59 30.09 2.52
CA GLN B 170 3.61 30.90 3.22
C GLN B 170 4.19 31.34 4.58
N GLU B 171 3.76 32.54 4.99
CA GLU B 171 4.25 33.22 6.19
C GLU B 171 3.05 33.76 6.96
N ALA B 172 3.14 33.69 8.29
CA ALA B 172 2.11 34.27 9.12
C ALA B 172 2.81 34.86 10.35
N PHE B 173 2.10 35.71 11.08
CA PHE B 173 2.62 36.31 12.29
C PHE B 173 1.99 35.70 13.53
N VAL B 174 2.85 35.45 14.52
CA VAL B 174 2.44 34.85 15.78
C VAL B 174 2.73 35.89 16.84
N PRO B 175 1.77 36.25 17.71
CA PRO B 175 2.10 37.17 18.81
C PRO B 175 3.16 36.50 19.71
N GLY B 176 4.00 37.34 20.30
CA GLY B 176 5.02 36.80 21.21
C GLY B 176 4.36 36.17 22.42
N PHE B 177 5.09 35.18 22.94
CA PHE B 177 4.70 34.47 24.17
C PHE B 177 6.01 33.98 24.78
N ASN B 178 5.86 33.43 25.98
CA ASN B 178 7.04 33.01 26.73
C ASN B 178 7.50 31.64 26.22
N ILE B 179 8.59 31.67 25.46
CA ILE B 179 9.12 30.44 24.85
C ILE B 179 9.52 29.46 25.92
N GLU B 180 9.91 29.93 27.12
CA GLU B 180 10.27 28.99 28.17
C GLU B 180 9.12 28.07 28.51
N GLU B 181 7.87 28.48 28.23
CA GLU B 181 6.72 27.61 28.47
C GLU B 181 6.75 26.36 27.57
N LEU B 182 7.60 26.36 26.51
CA LEU B 182 7.69 25.15 25.70
C LEU B 182 8.70 24.15 26.28
N LEU B 183 9.49 24.56 27.29
CA LEU B 183 10.49 23.66 27.85
C LEU B 183 9.86 22.81 28.94
N PRO B 184 10.46 21.63 29.23
CA PRO B 184 9.90 20.73 30.24
C PRO B 184 10.38 21.11 31.62
N GLU B 185 9.96 20.23 32.54
CA GLU B 185 10.34 20.33 33.93
C GLU B 185 11.81 19.98 34.04
N ARG B 186 12.47 20.67 34.99
CA ARG B 186 13.79 20.30 35.43
C ARG B 186 14.78 20.39 34.26
N THR B 187 14.80 21.58 33.70
CA THR B 187 15.70 21.79 32.59
C THR B 187 17.16 21.59 32.98
N ALA B 188 17.49 21.58 34.29
CA ALA B 188 18.86 21.32 34.68
C ALA B 188 19.29 19.89 34.31
N GLU B 189 18.35 19.03 34.01
CA GLU B 189 18.67 17.63 33.63
C GLU B 189 18.63 17.49 32.11
N TYR B 190 19.79 17.25 31.52
CA TYR B 190 19.87 17.18 30.06
C TYR B 190 20.98 16.26 29.62
N TYR B 191 20.94 15.91 28.31
CA TYR B 191 21.97 15.18 27.63
C TYR B 191 22.71 16.18 26.76
N ARG B 192 24.03 16.04 26.63
CA ARG B 192 24.83 16.96 25.84
C ARG B 192 25.79 16.20 24.95
N TYR B 193 25.84 16.53 23.67
CA TYR B 193 26.76 15.86 22.75
C TYR B 193 27.06 16.77 21.56
N ARG B 194 28.18 16.46 20.89
CA ARG B 194 28.56 17.18 19.68
C ARG B 194 27.98 16.44 18.49
N GLY B 195 27.22 17.18 17.67
CA GLY B 195 26.61 16.56 16.50
C GLY B 195 26.41 17.55 15.35
N SER B 196 25.31 17.37 14.64
CA SER B 196 25.14 18.01 13.34
C SER B 196 23.71 18.52 13.21
N LEU B 197 23.51 19.32 12.15
CA LEU B 197 22.15 19.54 11.66
C LEU B 197 21.57 18.17 11.31
N THR B 198 20.27 18.00 11.61
CA THR B 198 19.62 16.73 11.27
C THR B 198 19.01 16.75 9.86
N THR B 199 19.20 17.90 9.15
CA THR B 199 18.67 18.10 7.81
C THR B 199 19.87 18.46 6.95
N PRO B 200 19.80 18.26 5.63
CA PRO B 200 20.79 18.90 4.74
C PRO B 200 20.91 20.38 5.08
N PRO B 201 22.13 20.94 5.04
N PRO B 201 22.11 20.96 4.99
CA PRO B 201 23.35 20.24 4.60
CA PRO B 201 23.34 20.25 4.57
C PRO B 201 24.13 19.43 5.64
C PRO B 201 24.05 19.34 5.57
N CYS B 202 23.49 19.16 6.77
CA CYS B 202 24.01 18.21 7.79
C CYS B 202 25.37 18.64 8.38
N ASN B 203 25.61 19.96 8.44
N ASN B 203 25.62 19.96 8.42
CA ASN B 203 26.90 20.43 8.90
CA ASN B 203 26.89 20.49 8.90
C ASN B 203 27.17 19.94 10.32
C ASN B 203 27.17 19.96 10.31
N PRO B 204 28.38 19.43 10.63
CA PRO B 204 28.68 18.86 11.95
C PRO B 204 29.09 19.94 12.94
N THR B 205 28.18 20.90 13.13
CA THR B 205 28.57 22.12 13.80
C THR B 205 27.64 22.47 14.96
N VAL B 206 26.94 21.46 15.49
CA VAL B 206 25.93 21.71 16.52
C VAL B 206 26.34 21.10 17.87
N LEU B 207 26.26 21.93 18.89
CA LEU B 207 26.28 21.48 20.27
C LEU B 207 24.84 21.19 20.67
N TRP B 208 24.50 19.91 20.83
CA TRP B 208 23.15 19.48 21.17
C TRP B 208 22.92 19.47 22.67
N THR B 209 21.78 19.92 23.13
CA THR B 209 21.27 19.70 24.48
C THR B 209 19.87 19.12 24.33
N VAL B 210 19.68 17.89 24.79
CA VAL B 210 18.34 17.28 24.76
C VAL B 210 17.87 17.21 26.20
N PHE B 211 16.76 17.87 26.52
CA PHE B 211 16.28 17.79 27.91
C PHE B 211 15.86 16.37 28.24
N ARG B 212 16.15 16.00 29.50
CA ARG B 212 15.79 14.65 29.92
C ARG B 212 14.29 14.40 29.93
N ASN B 213 13.49 15.39 30.35
CA ASN B 213 12.08 15.16 30.55
C ASN B 213 11.29 15.66 29.34
N PRO B 214 10.30 14.90 28.87
CA PRO B 214 9.45 15.35 27.77
C PRO B 214 8.39 16.34 28.26
N VAL B 215 7.80 17.03 27.28
CA VAL B 215 6.55 17.72 27.48
C VAL B 215 5.41 16.94 26.85
N GLN B 216 4.16 17.31 27.16
CA GLN B 216 2.99 16.65 26.55
C GLN B 216 2.25 17.64 25.66
N ILE B 217 1.77 17.17 24.52
CA ILE B 217 0.70 17.83 23.77
C ILE B 217 -0.40 16.78 23.53
N SER B 218 -1.60 17.23 23.18
CA SER B 218 -2.67 16.24 23.05
C SER B 218 -2.69 15.53 21.73
N GLN B 219 -3.44 14.43 21.66
CA GLN B 219 -3.70 13.74 20.40
C GLN B 219 -4.26 14.69 19.33
N GLU B 220 -5.15 15.59 19.73
CA GLU B 220 -5.77 16.47 18.75
C GLU B 220 -4.74 17.50 18.25
N GLN B 221 -3.82 17.92 19.13
CA GLN B 221 -2.77 18.83 18.67
C GLN B 221 -1.81 18.12 17.74
N LEU B 222 -1.44 16.88 18.06
CA LEU B 222 -0.60 16.13 17.14
C LEU B 222 -1.33 15.96 15.80
N LEU B 223 -2.62 15.60 15.81
CA LEU B 223 -3.32 15.37 14.55
C LEU B 223 -3.36 16.66 13.75
N ALA B 224 -3.57 17.82 14.41
CA ALA B 224 -3.55 19.08 13.67
C ALA B 224 -2.18 19.27 13.03
N LEU B 225 -1.11 19.11 13.81
CA LEU B 225 0.24 19.28 13.30
C LEU B 225 0.53 18.35 12.11
N GLU B 226 0.05 17.09 12.20
CA GLU B 226 0.33 16.07 11.22
C GLU B 226 -0.56 16.19 9.96
N THR B 227 -1.60 17.00 9.99
CA THR B 227 -2.49 17.07 8.85
C THR B 227 -2.59 18.49 8.29
N ALA B 228 -1.96 19.48 8.91
CA ALA B 228 -2.18 20.84 8.42
C ALA B 228 -1.26 21.17 7.22
N LEU B 229 -0.05 20.61 7.13
CA LEU B 229 1.01 21.22 6.34
C LEU B 229 1.42 20.34 5.17
N TYR B 230 1.90 21.02 4.13
CA TYR B 230 2.40 20.46 2.87
C TYR B 230 3.82 20.95 2.63
N CYS B 231 4.62 20.09 2.02
CA CYS B 231 5.98 20.39 1.64
C CYS B 231 6.01 21.24 0.36
N THR B 232 4.86 21.28 -0.35
CA THR B 232 4.83 21.83 -1.70
C THR B 232 4.12 23.19 -1.69
N HIS B 233 4.27 23.94 -2.81
CA HIS B 233 3.52 25.19 -2.97
C HIS B 233 2.00 25.02 -3.15
N MET B 234 1.23 26.07 -2.82
CA MET B 234 -0.23 26.04 -2.92
C MET B 234 -0.67 25.57 -4.32
N ASP B 235 0.09 25.92 -5.36
CA ASP B 235 -0.40 25.58 -6.69
C ASP B 235 0.26 24.36 -7.29
N ASP B 236 0.95 23.54 -6.49
CA ASP B 236 1.68 22.41 -7.03
C ASP B 236 0.68 21.32 -7.42
N PRO B 237 0.68 20.83 -8.68
CA PRO B 237 -0.16 19.71 -9.08
C PRO B 237 0.21 18.32 -8.51
N SER B 238 1.37 18.19 -7.81
CA SER B 238 1.70 16.95 -7.13
C SER B 238 1.98 17.26 -5.66
N PRO B 239 0.92 17.55 -4.90
CA PRO B 239 1.11 17.90 -3.48
C PRO B 239 1.73 16.76 -2.69
N ARG B 240 2.53 17.18 -1.67
CA ARG B 240 3.11 16.22 -0.76
C ARG B 240 2.88 16.70 0.66
N GLU B 241 2.27 15.85 1.46
CA GLU B 241 2.01 16.18 2.87
C GLU B 241 3.31 16.20 3.67
N MET B 242 3.36 17.17 4.59
CA MET B 242 4.53 17.30 5.47
C MET B 242 4.30 16.43 6.71
N ILE B 243 4.79 15.19 6.56
CA ILE B 243 4.61 14.14 7.55
C ILE B 243 5.92 13.36 7.62
N ASN B 244 6.18 12.72 8.78
CA ASN B 244 7.35 11.86 8.95
C ASN B 244 8.63 12.60 8.63
N ASN B 245 8.70 13.86 9.07
CA ASN B 245 9.84 14.70 8.76
C ASN B 245 10.91 14.60 9.86
N PHE B 246 11.38 13.39 10.10
CA PHE B 246 12.45 13.12 11.06
C PHE B 246 13.45 12.21 10.39
N ARG B 247 14.71 12.38 10.73
CA ARG B 247 15.80 11.52 10.25
C ARG B 247 15.90 10.29 11.15
N GLN B 248 16.32 9.16 10.59
CA GLN B 248 16.65 7.99 11.44
C GLN B 248 17.88 8.28 12.28
N VAL B 249 18.00 7.59 13.42
CA VAL B 249 19.22 7.78 14.23
C VAL B 249 20.44 7.28 13.49
N GLN B 250 21.56 7.90 13.88
CA GLN B 250 22.86 7.71 13.24
C GLN B 250 23.79 6.84 14.08
N LYS B 251 24.79 6.23 13.42
CA LYS B 251 25.80 5.53 14.22
C LYS B 251 26.53 6.54 15.14
N PHE B 252 26.93 6.07 16.32
CA PHE B 252 27.66 6.98 17.18
C PHE B 252 29.12 6.53 16.99
N ASP B 253 29.85 7.12 16.08
CA ASP B 253 31.25 6.82 15.68
C ASP B 253 32.05 7.23 16.93
N GLU B 254 32.03 6.38 17.98
CA GLU B 254 32.87 6.47 19.18
C GLU B 254 32.59 7.70 20.07
N ARG B 255 31.56 8.51 19.76
CA ARG B 255 31.10 9.57 20.66
C ARG B 255 30.54 9.01 21.99
N LEU B 256 30.69 9.77 23.11
CA LEU B 256 29.86 9.63 24.29
C LEU B 256 28.84 10.78 24.33
N VAL B 257 27.74 10.54 25.04
CA VAL B 257 26.75 11.56 25.34
C VAL B 257 26.95 11.83 26.82
N TYR B 258 27.11 13.09 27.20
CA TYR B 258 27.32 13.46 28.59
C TYR B 258 26.03 13.89 29.24
N THR B 259 25.83 13.50 30.48
CA THR B 259 24.57 13.79 31.13
C THR B 259 24.80 14.71 32.32
N SER B 260 23.85 15.59 32.61
CA SER B 260 23.96 16.50 33.76
C SER B 260 23.34 15.88 35.00
N PHE B 261 22.82 14.66 34.83
CA PHE B 261 22.16 13.91 35.90
C PHE B 261 22.90 12.57 36.03
N SER B 262 23.02 12.09 37.28
CA SER B 262 23.84 10.90 37.44
C SER B 262 22.97 9.67 37.25
N GLN B 263 21.77 9.74 37.84
CA GLN B 263 20.79 8.66 37.88
C GLN B 263 19.41 9.30 37.71
N LYS C 3 -4.90 -9.19 -28.52
CA LYS C 3 -4.06 -9.22 -27.28
C LYS C 3 -4.63 -8.28 -26.22
N TRP C 4 -4.61 -8.75 -24.96
CA TRP C 4 -5.53 -8.24 -23.97
C TRP C 4 -5.14 -8.74 -22.59
N THR C 5 -5.59 -7.98 -21.60
CA THR C 5 -5.27 -8.25 -20.22
C THR C 5 -6.50 -7.98 -19.36
N TYR C 6 -6.33 -8.18 -18.04
CA TYR C 6 -7.31 -7.74 -17.07
C TYR C 6 -6.92 -6.47 -16.31
N PHE C 7 -5.93 -5.68 -16.81
CA PHE C 7 -5.53 -4.44 -16.12
C PHE C 7 -5.10 -3.36 -17.11
N GLY C 8 -4.35 -2.36 -16.60
CA GLY C 8 -3.65 -1.36 -17.41
C GLY C 8 -4.45 -0.61 -18.48
N PRO C 9 -3.91 -0.41 -19.71
CA PRO C 9 -4.72 0.08 -20.83
C PRO C 9 -5.28 -0.99 -21.75
N ASP C 10 -4.89 -2.25 -21.52
CA ASP C 10 -5.36 -3.31 -22.39
C ASP C 10 -6.40 -4.18 -21.69
N GLY C 11 -6.96 -3.67 -20.59
CA GLY C 11 -7.95 -4.36 -19.77
C GLY C 11 -9.37 -4.26 -20.35
N GLU C 12 -10.31 -4.72 -19.52
CA GLU C 12 -11.60 -5.11 -20.05
C GLU C 12 -12.37 -3.97 -20.69
N ASN C 13 -12.23 -2.73 -20.23
CA ASN C 13 -12.99 -1.65 -20.85
C ASN C 13 -12.48 -1.34 -22.26
N SER C 14 -11.26 -1.84 -22.60
CA SER C 14 -10.66 -1.64 -23.92
C SER C 14 -10.84 -2.82 -24.84
N TRP C 15 -11.36 -3.94 -24.37
CA TRP C 15 -11.45 -5.11 -25.23
C TRP C 15 -12.22 -4.82 -26.51
N SER C 16 -13.26 -3.96 -26.42
CA SER C 16 -14.17 -3.78 -27.56
C SER C 16 -13.47 -3.10 -28.74
N LYS C 17 -12.28 -2.49 -28.51
N LYS C 17 -12.28 -2.51 -28.53
CA LYS C 17 -11.56 -1.86 -29.62
CA LYS C 17 -11.58 -1.88 -29.66
C LYS C 17 -11.16 -2.91 -30.68
C LYS C 17 -11.18 -2.92 -30.69
N LYS C 18 -10.53 -4.00 -30.23
CA LYS C 18 -10.11 -5.06 -31.14
C LYS C 18 -11.13 -6.19 -31.25
N TYR C 19 -12.03 -6.32 -30.25
CA TYR C 19 -12.98 -7.42 -30.22
C TYR C 19 -14.37 -6.84 -30.10
N PRO C 20 -15.03 -6.48 -31.22
CA PRO C 20 -16.23 -5.64 -31.15
C PRO C 20 -17.35 -6.33 -30.36
N SER C 21 -17.38 -7.67 -30.31
CA SER C 21 -18.48 -8.34 -29.60
C SER C 21 -18.44 -8.03 -28.11
N CYS C 22 -17.29 -7.57 -27.61
CA CYS C 22 -17.18 -7.29 -26.17
C CYS C 22 -18.01 -6.07 -25.76
N GLY C 23 -18.42 -5.25 -26.73
CA GLY C 23 -19.35 -4.15 -26.55
C GLY C 23 -20.76 -4.42 -27.06
N GLY C 24 -21.05 -5.67 -27.41
CA GLY C 24 -22.31 -6.07 -28.04
C GLY C 24 -23.32 -6.62 -27.04
N LEU C 25 -24.30 -7.32 -27.59
CA LEU C 25 -25.36 -7.96 -26.81
C LEU C 25 -24.86 -9.21 -26.09
N LEU C 26 -25.72 -9.62 -25.17
CA LEU C 26 -25.71 -10.90 -24.46
C LEU C 26 -24.39 -11.11 -23.70
N GLN C 27 -23.81 -10.06 -23.11
CA GLN C 27 -22.51 -10.22 -22.45
C GLN C 27 -22.59 -10.88 -21.07
N SER C 28 -21.61 -11.75 -20.79
CA SER C 28 -21.42 -12.42 -19.50
C SER C 28 -20.15 -11.92 -18.86
N PRO C 29 -19.94 -12.06 -17.56
CA PRO C 29 -20.86 -12.72 -16.63
C PRO C 29 -21.88 -11.72 -16.06
N ILE C 30 -22.79 -12.22 -15.22
CA ILE C 30 -23.89 -11.41 -14.68
C ILE C 30 -24.08 -11.76 -13.21
N ASP C 31 -24.83 -10.86 -12.53
CA ASP C 31 -25.25 -11.16 -11.16
C ASP C 31 -26.54 -11.97 -11.21
N LEU C 32 -26.53 -13.07 -10.46
CA LEU C 32 -27.67 -13.97 -10.38
C LEU C 32 -28.43 -13.60 -9.10
N HIS C 33 -29.59 -12.96 -9.23
CA HIS C 33 -30.27 -12.58 -7.99
C HIS C 33 -31.75 -12.87 -8.10
N SER C 34 -32.48 -12.90 -6.95
CA SER C 34 -33.76 -13.58 -6.87
C SER C 34 -34.82 -12.95 -7.78
N ASP C 35 -34.73 -11.62 -7.96
CA ASP C 35 -35.79 -10.90 -8.65
C ASP C 35 -35.79 -11.22 -10.14
N ILE C 36 -34.71 -11.83 -10.66
CA ILE C 36 -34.69 -12.13 -12.08
C ILE C 36 -34.71 -13.64 -12.32
N LEU C 37 -34.91 -14.45 -11.27
CA LEU C 37 -34.96 -15.89 -11.46
C LEU C 37 -36.35 -16.38 -11.83
N GLN C 38 -36.40 -17.42 -12.67
CA GLN C 38 -37.69 -18.01 -13.02
C GLN C 38 -37.52 -19.52 -13.19
N TYR C 39 -38.31 -20.31 -12.43
CA TYR C 39 -38.28 -21.76 -12.63
C TYR C 39 -38.67 -22.13 -14.06
N ASP C 40 -37.99 -23.13 -14.61
CA ASP C 40 -38.21 -23.59 -15.97
C ASP C 40 -38.18 -25.13 -15.91
N ALA C 41 -39.35 -25.75 -16.14
CA ALA C 41 -39.47 -27.21 -16.06
C ALA C 41 -38.68 -27.91 -17.15
N SER C 42 -38.23 -27.19 -18.18
CA SER C 42 -37.45 -27.83 -19.24
C SER C 42 -36.02 -28.18 -18.76
N LEU C 43 -35.64 -27.62 -17.60
CA LEU C 43 -34.25 -27.73 -17.21
C LEU C 43 -34.02 -29.01 -16.41
N THR C 44 -33.94 -30.11 -17.15
CA THR C 44 -33.75 -31.44 -16.58
C THR C 44 -32.27 -31.67 -16.24
N PRO C 45 -31.90 -32.75 -15.51
CA PRO C 45 -30.49 -33.00 -15.16
C PRO C 45 -29.69 -33.26 -16.42
N LEU C 46 -28.50 -32.66 -16.53
CA LEU C 46 -27.56 -32.97 -17.59
C LEU C 46 -26.90 -34.30 -17.27
N GLU C 47 -26.42 -34.98 -18.31
CA GLU C 47 -25.57 -36.17 -18.17
C GLU C 47 -24.16 -35.85 -18.64
N PHE C 48 -23.16 -36.25 -17.85
CA PHE C 48 -21.78 -35.92 -18.15
C PHE C 48 -21.10 -37.19 -18.67
N GLN C 49 -20.84 -37.23 -19.97
CA GLN C 49 -20.43 -38.48 -20.60
C GLN C 49 -18.96 -38.44 -20.93
N GLY C 50 -18.21 -39.54 -20.66
CA GLY C 50 -16.81 -39.53 -21.05
C GLY C 50 -15.92 -38.60 -20.21
N TYR C 51 -16.41 -38.23 -19.04
CA TYR C 51 -15.70 -37.33 -18.13
C TYR C 51 -14.59 -38.07 -17.38
N ASN C 52 -14.66 -39.39 -17.39
CA ASN C 52 -13.65 -40.18 -16.67
C ASN C 52 -12.45 -40.41 -17.59
N LEU C 53 -11.41 -39.58 -17.44
CA LEU C 53 -10.29 -39.69 -18.35
C LEU C 53 -9.28 -40.66 -17.75
N SER C 54 -8.86 -41.66 -18.55
CA SER C 54 -7.98 -42.72 -18.08
C SER C 54 -6.63 -42.18 -17.63
N ALA C 55 -6.12 -42.71 -16.51
CA ALA C 55 -4.84 -42.28 -15.97
C ALA C 55 -3.72 -42.68 -16.92
N ASN C 56 -4.12 -43.35 -18.02
CA ASN C 56 -3.23 -43.75 -19.10
C ASN C 56 -2.82 -42.52 -19.91
N LYS C 57 -3.85 -41.82 -20.42
CA LYS C 57 -3.75 -40.66 -21.30
C LYS C 57 -3.34 -39.43 -20.46
N GLN C 58 -2.75 -38.42 -21.13
CA GLN C 58 -2.37 -37.14 -20.52
C GLN C 58 -2.91 -35.97 -21.35
N PHE C 59 -3.00 -34.78 -20.72
CA PHE C 59 -3.77 -33.60 -21.17
C PHE C 59 -2.93 -32.33 -21.04
N LEU C 60 -2.78 -31.52 -22.11
CA LEU C 60 -1.90 -30.36 -22.11
C LEU C 60 -2.46 -29.23 -21.24
N LEU C 61 -1.67 -28.82 -20.23
CA LEU C 61 -1.88 -27.63 -19.41
C LEU C 61 -1.05 -26.49 -19.98
N THR C 62 -1.68 -25.34 -20.17
CA THR C 62 -1.00 -24.18 -20.71
C THR C 62 -1.34 -22.99 -19.83
N ASN C 63 -0.28 -22.25 -19.50
CA ASN C 63 -0.41 -20.87 -19.13
C ASN C 63 -0.52 -20.06 -20.41
N ASN C 64 -1.74 -19.61 -20.74
CA ASN C 64 -1.91 -18.82 -21.94
C ASN C 64 -1.76 -17.34 -21.61
N GLY C 65 -1.33 -17.05 -20.35
CA GLY C 65 -1.12 -15.68 -19.95
C GLY C 65 -2.39 -14.96 -19.46
N HIS C 66 -3.53 -15.65 -19.53
CA HIS C 66 -4.84 -15.14 -19.12
C HIS C 66 -5.42 -16.04 -18.03
N SER C 67 -5.15 -17.35 -18.11
CA SER C 67 -5.63 -18.34 -17.17
C SER C 67 -4.72 -19.56 -17.26
N VAL C 68 -5.01 -20.57 -16.47
CA VAL C 68 -4.42 -21.88 -16.73
C VAL C 68 -5.53 -22.77 -17.28
N LYS C 69 -5.25 -23.35 -18.45
CA LYS C 69 -6.25 -24.16 -19.12
C LYS C 69 -5.70 -25.56 -19.29
N LEU C 70 -6.59 -26.53 -19.14
CA LEU C 70 -6.34 -27.90 -19.54
C LEU C 70 -7.16 -28.23 -20.78
N ASN C 71 -6.47 -28.66 -21.85
CA ASN C 71 -7.16 -29.24 -23.00
C ASN C 71 -7.92 -30.50 -22.61
N LEU C 72 -9.14 -30.73 -23.16
CA LEU C 72 -9.98 -31.88 -22.84
C LEU C 72 -10.38 -32.58 -24.15
N PRO C 73 -10.67 -33.91 -24.20
CA PRO C 73 -10.82 -34.61 -25.49
C PRO C 73 -12.26 -34.52 -25.97
N SER C 74 -12.45 -34.46 -27.29
CA SER C 74 -13.76 -34.24 -27.91
C SER C 74 -14.75 -35.38 -27.70
N ASP C 75 -14.30 -36.57 -27.27
CA ASP C 75 -15.23 -37.62 -26.94
C ASP C 75 -15.89 -37.38 -25.58
N MET C 76 -15.40 -36.39 -24.80
CA MET C 76 -16.08 -36.05 -23.55
C MET C 76 -17.21 -35.06 -23.89
N HIS C 77 -18.43 -35.29 -23.36
CA HIS C 77 -19.56 -34.46 -23.81
C HIS C 77 -20.69 -34.34 -22.80
N ILE C 78 -21.54 -33.32 -23.01
CA ILE C 78 -22.78 -33.19 -22.27
C ILE C 78 -23.92 -33.77 -23.11
N GLN C 79 -24.78 -34.55 -22.46
CA GLN C 79 -26.02 -35.05 -23.02
C GLN C 79 -27.17 -34.42 -22.22
N GLY C 80 -28.19 -33.97 -22.96
CA GLY C 80 -29.42 -33.42 -22.39
C GLY C 80 -29.75 -32.04 -22.92
N LEU C 81 -28.85 -31.44 -23.73
CA LEU C 81 -29.17 -30.18 -24.38
C LEU C 81 -29.70 -30.46 -25.80
N GLN C 82 -30.03 -29.40 -26.56
CA GLN C 82 -30.69 -29.55 -27.85
C GLN C 82 -29.74 -30.17 -28.88
N SER C 83 -28.44 -29.94 -28.75
CA SER C 83 -27.37 -30.56 -29.55
C SER C 83 -26.40 -31.21 -28.57
N ARG C 84 -25.56 -32.12 -29.08
CA ARG C 84 -24.40 -32.54 -28.32
C ARG C 84 -23.34 -31.45 -28.24
N TYR C 85 -22.85 -31.21 -27.00
CA TYR C 85 -21.73 -30.30 -26.79
C TYR C 85 -20.55 -31.09 -26.24
N SER C 86 -19.48 -31.09 -27.01
CA SER C 86 -18.27 -31.84 -26.71
C SER C 86 -17.22 -30.94 -26.04
N ALA C 87 -16.49 -31.52 -25.08
CA ALA C 87 -15.46 -30.79 -24.33
C ALA C 87 -14.30 -30.28 -25.18
N THR C 88 -13.73 -29.11 -24.80
CA THR C 88 -12.54 -28.55 -25.44
C THR C 88 -11.46 -28.20 -24.41
N GLN C 89 -11.85 -27.62 -23.26
CA GLN C 89 -10.86 -27.19 -22.28
C GLN C 89 -11.61 -26.80 -21.01
N LEU C 90 -10.90 -26.86 -19.87
CA LEU C 90 -11.38 -26.17 -18.70
C LEU C 90 -10.33 -25.20 -18.21
N HIS C 91 -10.81 -24.20 -17.44
CA HIS C 91 -9.90 -23.19 -16.88
C HIS C 91 -10.57 -22.52 -15.68
N LEU C 92 -9.81 -21.65 -15.00
CA LEU C 92 -10.32 -21.02 -13.78
C LEU C 92 -10.12 -19.52 -13.82
N HIS C 93 -10.92 -18.88 -12.92
CA HIS C 93 -10.82 -17.46 -12.65
C HIS C 93 -10.74 -17.24 -11.14
N TRP C 94 -9.90 -16.29 -10.74
CA TRP C 94 -9.73 -16.06 -9.30
C TRP C 94 -9.37 -14.60 -9.05
N GLY C 95 -9.23 -14.28 -7.74
CA GLY C 95 -8.88 -12.94 -7.30
C GLY C 95 -7.42 -12.82 -6.88
N ASN C 96 -7.20 -12.43 -5.62
CA ASN C 96 -5.82 -12.20 -5.15
C ASN C 96 -5.85 -12.40 -3.64
N PRO C 97 -4.70 -12.64 -2.95
CA PRO C 97 -4.74 -12.87 -1.51
C PRO C 97 -5.32 -11.73 -0.67
N ASN C 98 -5.21 -10.49 -1.14
CA ASN C 98 -5.74 -9.36 -0.37
C ASN C 98 -7.27 -9.23 -0.54
N ASP C 99 -7.83 -9.89 -1.56
CA ASP C 99 -9.26 -9.75 -1.91
C ASP C 99 -9.66 -11.03 -2.64
N PRO C 100 -9.82 -12.14 -1.88
CA PRO C 100 -9.91 -13.49 -2.45
C PRO C 100 -11.34 -13.78 -2.88
N HIS C 101 -11.82 -12.94 -3.81
CA HIS C 101 -13.21 -13.03 -4.27
C HIS C 101 -13.28 -12.79 -5.77
N GLY C 102 -12.83 -13.79 -6.55
CA GLY C 102 -12.62 -13.57 -7.96
C GLY C 102 -13.41 -14.51 -8.87
N SER C 103 -14.60 -14.97 -8.41
CA SER C 103 -15.54 -15.56 -9.36
C SER C 103 -16.00 -14.52 -10.38
N GLU C 104 -16.50 -15.03 -11.51
CA GLU C 104 -17.03 -14.17 -12.56
C GLU C 104 -18.51 -13.89 -12.27
N HIS C 105 -19.32 -14.94 -12.22
CA HIS C 105 -20.72 -14.74 -11.79
C HIS C 105 -20.75 -14.37 -10.31
N THR C 106 -21.75 -13.60 -9.95
CA THR C 106 -22.04 -13.31 -8.55
C THR C 106 -23.45 -13.77 -8.22
N VAL C 107 -23.73 -14.00 -6.91
CA VAL C 107 -25.06 -14.42 -6.49
C VAL C 107 -25.53 -13.43 -5.43
N SER C 108 -26.62 -12.73 -5.74
CA SER C 108 -27.13 -11.64 -4.90
C SER C 108 -26.00 -10.65 -4.58
N GLY C 109 -25.22 -10.30 -5.61
CA GLY C 109 -24.18 -9.30 -5.47
C GLY C 109 -22.84 -9.80 -4.92
N GLN C 110 -22.77 -11.07 -4.51
CA GLN C 110 -21.57 -11.55 -3.85
C GLN C 110 -20.72 -12.43 -4.77
N HIS C 111 -19.41 -12.14 -4.82
CA HIS C 111 -18.47 -13.04 -5.50
C HIS C 111 -18.22 -14.24 -4.63
N PHE C 112 -17.88 -15.32 -5.30
CA PHE C 112 -17.28 -16.47 -4.67
C PHE C 112 -15.77 -16.32 -4.83
N ALA C 113 -15.00 -17.21 -4.14
CA ALA C 113 -13.56 -17.10 -4.25
C ALA C 113 -12.96 -17.22 -5.65
N ALA C 114 -13.53 -18.14 -6.45
CA ALA C 114 -13.03 -18.51 -7.75
C ALA C 114 -14.17 -19.18 -8.51
N GLU C 115 -13.90 -19.45 -9.79
CA GLU C 115 -14.90 -20.11 -10.61
C GLU C 115 -14.16 -20.96 -11.66
N LEU C 116 -14.68 -22.19 -11.82
CA LEU C 116 -14.14 -23.10 -12.85
C LEU C 116 -15.13 -23.13 -14.03
N HIS C 117 -14.59 -23.09 -15.24
CA HIS C 117 -15.37 -23.15 -16.46
C HIS C 117 -14.95 -24.42 -17.20
N ILE C 118 -15.94 -25.22 -17.58
CA ILE C 118 -15.71 -26.36 -18.49
C ILE C 118 -16.36 -26.04 -19.83
N VAL C 119 -15.53 -25.82 -20.83
CA VAL C 119 -15.96 -25.24 -22.11
C VAL C 119 -16.26 -26.41 -23.04
N HIS C 120 -17.44 -26.38 -23.69
CA HIS C 120 -17.86 -27.39 -24.67
C HIS C 120 -18.27 -26.67 -25.95
N TYR C 121 -18.23 -27.37 -27.10
CA TYR C 121 -18.66 -26.79 -28.36
C TYR C 121 -19.69 -27.71 -28.98
N ASN C 122 -20.50 -27.08 -29.83
CA ASN C 122 -21.55 -27.79 -30.56
C ASN C 122 -20.94 -28.65 -31.67
N SER C 123 -20.76 -29.94 -31.37
CA SER C 123 -20.09 -30.87 -32.28
C SER C 123 -21.05 -31.46 -33.31
N ASP C 124 -22.35 -31.32 -33.08
CA ASP C 124 -23.35 -31.65 -34.11
C ASP C 124 -23.33 -30.64 -35.25
N LEU C 125 -23.06 -29.37 -34.96
CA LEU C 125 -23.10 -28.34 -35.98
C LEU C 125 -21.71 -28.04 -36.54
N TYR C 126 -20.66 -28.20 -35.70
CA TYR C 126 -19.37 -27.62 -36.02
C TYR C 126 -18.24 -28.64 -35.84
N PRO C 127 -17.15 -28.55 -36.67
CA PRO C 127 -16.08 -29.53 -36.62
C PRO C 127 -15.12 -29.38 -35.44
N ASP C 128 -15.06 -28.16 -34.89
CA ASP C 128 -14.18 -27.92 -33.76
C ASP C 128 -14.59 -26.67 -33.02
N ALA C 129 -13.90 -26.47 -31.88
CA ALA C 129 -14.33 -25.45 -30.94
C ALA C 129 -14.05 -24.05 -31.48
N SER C 130 -12.92 -23.86 -32.19
CA SER C 130 -12.63 -22.52 -32.67
C SER C 130 -13.61 -22.12 -33.76
N THR C 131 -13.99 -23.09 -34.64
CA THR C 131 -14.96 -22.81 -35.68
C THR C 131 -16.30 -22.47 -35.03
N ALA C 132 -16.64 -23.23 -33.98
CA ALA C 132 -17.93 -23.01 -33.31
C ALA C 132 -18.02 -21.68 -32.59
N SER C 133 -16.87 -21.18 -32.10
CA SER C 133 -16.89 -20.17 -31.05
C SER C 133 -17.60 -18.90 -31.50
N ASN C 134 -17.64 -18.61 -32.81
CA ASN C 134 -18.25 -17.36 -33.26
C ASN C 134 -19.57 -17.58 -34.01
N LYS C 135 -20.15 -18.76 -33.85
CA LYS C 135 -21.31 -19.18 -34.60
C LYS C 135 -22.49 -19.54 -33.69
N SER C 136 -23.67 -19.51 -34.31
CA SER C 136 -24.93 -19.76 -33.62
C SER C 136 -24.85 -21.04 -32.81
N GLU C 137 -25.23 -20.93 -31.53
CA GLU C 137 -25.36 -22.10 -30.67
C GLU C 137 -24.04 -22.84 -30.55
N GLY C 138 -22.94 -22.09 -30.65
CA GLY C 138 -21.62 -22.66 -30.82
C GLY C 138 -21.04 -23.28 -29.55
N LEU C 139 -21.37 -22.73 -28.36
CA LEU C 139 -20.67 -23.13 -27.14
C LEU C 139 -21.62 -23.37 -25.98
N ALA C 140 -21.17 -24.20 -25.04
CA ALA C 140 -21.88 -24.38 -23.79
C ALA C 140 -20.84 -24.48 -22.70
N VAL C 141 -21.02 -23.75 -21.59
CA VAL C 141 -20.04 -23.75 -20.53
C VAL C 141 -20.74 -24.18 -19.25
N LEU C 142 -20.03 -25.04 -18.49
CA LEU C 142 -20.49 -25.37 -17.16
C LEU C 142 -19.65 -24.58 -16.18
N ALA C 143 -20.31 -23.86 -15.27
CA ALA C 143 -19.60 -23.04 -14.30
C ALA C 143 -19.84 -23.55 -12.89
N VAL C 144 -18.71 -23.73 -12.18
CA VAL C 144 -18.72 -24.17 -10.78
C VAL C 144 -18.16 -23.03 -9.91
N LEU C 145 -18.99 -22.61 -8.93
CA LEU C 145 -18.56 -21.58 -7.99
C LEU C 145 -17.69 -22.24 -6.91
N ILE C 146 -16.59 -21.57 -6.55
CA ILE C 146 -15.62 -22.16 -5.59
C ILE C 146 -15.53 -21.28 -4.36
N GLU C 147 -15.67 -21.89 -3.17
CA GLU C 147 -15.48 -21.16 -1.92
C GLU C 147 -14.48 -21.90 -1.03
N MET C 148 -13.94 -21.18 -0.05
CA MET C 148 -12.96 -21.78 0.85
C MET C 148 -13.68 -22.71 1.83
N GLY C 149 -13.05 -23.85 2.12
CA GLY C 149 -13.59 -24.85 3.03
C GLY C 149 -12.60 -26.00 3.19
N SER C 150 -13.14 -27.22 3.11
CA SER C 150 -12.37 -28.46 3.21
C SER C 150 -11.43 -28.61 2.02
N PHE C 151 -10.29 -29.28 2.27
CA PHE C 151 -9.36 -29.66 1.23
C PHE C 151 -10.04 -30.52 0.16
N ASN C 152 -9.67 -30.31 -1.11
CA ASN C 152 -10.31 -30.95 -2.27
C ASN C 152 -9.28 -31.68 -3.09
N PRO C 153 -9.17 -33.02 -2.90
CA PRO C 153 -8.16 -33.81 -3.61
C PRO C 153 -8.35 -33.83 -5.12
N SER C 154 -9.60 -33.65 -5.56
CA SER C 154 -9.85 -33.59 -6.99
C SER C 154 -9.27 -32.31 -7.60
N TYR C 155 -9.50 -31.14 -7.00
CA TYR C 155 -8.90 -29.92 -7.53
C TYR C 155 -7.37 -29.97 -7.53
N ASP C 156 -6.79 -30.71 -6.56
CA ASP C 156 -5.35 -30.79 -6.45
C ASP C 156 -4.75 -31.55 -7.65
N LYS C 157 -5.61 -32.30 -8.37
CA LYS C 157 -5.17 -33.01 -9.57
C LYS C 157 -4.74 -32.02 -10.63
N ILE C 158 -5.25 -30.77 -10.53
CA ILE C 158 -4.77 -29.70 -11.37
C ILE C 158 -3.69 -28.92 -10.61
N PHE C 159 -4.03 -28.52 -9.37
CA PHE C 159 -3.27 -27.50 -8.67
C PHE C 159 -1.80 -27.92 -8.46
N SER C 160 -1.58 -29.24 -8.41
CA SER C 160 -0.26 -29.78 -8.13
C SER C 160 0.70 -29.61 -9.31
N HIS C 161 0.20 -29.10 -10.44
CA HIS C 161 1.04 -28.87 -11.61
C HIS C 161 1.37 -27.40 -11.87
N LEU C 162 0.83 -26.45 -11.07
CA LEU C 162 0.92 -25.04 -11.45
C LEU C 162 2.34 -24.51 -11.52
N GLN C 163 3.29 -25.06 -10.71
CA GLN C 163 4.66 -24.56 -10.75
C GLN C 163 5.40 -24.92 -12.06
N HIS C 164 4.80 -25.80 -12.88
CA HIS C 164 5.34 -26.20 -14.18
C HIS C 164 4.97 -25.23 -15.31
N VAL C 165 4.00 -24.33 -15.04
CA VAL C 165 3.49 -23.42 -16.05
C VAL C 165 3.43 -21.98 -15.50
N LYS C 166 4.48 -21.56 -14.76
CA LYS C 166 4.41 -20.30 -14.05
C LYS C 166 4.42 -19.14 -15.03
N TYR C 167 4.93 -19.37 -16.24
CA TYR C 167 5.10 -18.22 -17.11
C TYR C 167 4.23 -18.35 -18.35
N LYS C 168 3.91 -17.18 -18.96
CA LYS C 168 3.11 -17.11 -20.17
C LYS C 168 3.78 -17.93 -21.28
N GLY C 169 2.99 -18.82 -21.88
CA GLY C 169 3.43 -19.63 -23.00
C GLY C 169 3.96 -20.98 -22.56
N GLN C 170 4.22 -21.13 -21.25
CA GLN C 170 4.72 -22.40 -20.76
C GLN C 170 3.61 -23.43 -20.74
N GLU C 171 4.01 -24.69 -20.91
CA GLU C 171 3.09 -25.80 -21.05
C GLU C 171 3.59 -26.96 -20.22
N ALA C 172 2.66 -27.82 -19.80
CA ALA C 172 2.99 -29.05 -19.07
C ALA C 172 1.88 -30.07 -19.25
N PHE C 173 2.10 -31.32 -18.82
CA PHE C 173 1.10 -32.37 -18.99
C PHE C 173 0.58 -32.79 -17.62
N VAL C 174 -0.75 -32.77 -17.45
CA VAL C 174 -1.44 -33.36 -16.30
C VAL C 174 -1.94 -34.74 -16.72
N PRO C 175 -1.78 -35.81 -15.90
CA PRO C 175 -2.37 -37.13 -16.22
C PRO C 175 -3.88 -37.12 -16.09
N GLY C 176 -4.54 -38.02 -16.84
CA GLY C 176 -5.98 -38.19 -16.83
C GLY C 176 -6.53 -38.32 -15.42
N PHE C 177 -7.84 -38.03 -15.27
CA PHE C 177 -8.64 -38.21 -14.05
C PHE C 177 -10.09 -37.89 -14.40
N ASN C 178 -11.00 -38.18 -13.46
CA ASN C 178 -12.43 -38.04 -13.65
C ASN C 178 -12.86 -36.58 -13.44
N ILE C 179 -13.23 -35.91 -14.54
CA ILE C 179 -13.51 -34.48 -14.46
C ILE C 179 -14.79 -34.25 -13.65
N GLU C 180 -15.60 -35.27 -13.54
CA GLU C 180 -16.88 -35.11 -12.85
C GLU C 180 -16.67 -34.87 -11.35
N GLU C 181 -15.46 -35.16 -10.85
CA GLU C 181 -15.10 -34.93 -9.46
C GLU C 181 -15.03 -33.42 -9.16
N LEU C 182 -14.88 -32.57 -10.22
CA LEU C 182 -14.78 -31.11 -10.06
C LEU C 182 -16.16 -30.48 -9.86
N LEU C 183 -17.22 -31.23 -10.18
CA LEU C 183 -18.58 -30.69 -10.12
C LEU C 183 -19.11 -30.75 -8.69
N PRO C 184 -20.04 -29.87 -8.31
CA PRO C 184 -20.60 -29.82 -6.97
C PRO C 184 -21.64 -30.90 -6.73
N GLU C 185 -22.06 -31.02 -5.46
CA GLU C 185 -23.25 -31.76 -5.11
C GLU C 185 -24.49 -31.20 -5.84
N ARG C 186 -25.42 -32.13 -6.10
CA ARG C 186 -26.73 -31.83 -6.68
C ARG C 186 -26.59 -31.01 -7.97
N THR C 187 -25.88 -31.58 -8.93
CA THR C 187 -25.76 -30.93 -10.22
C THR C 187 -27.13 -30.68 -10.87
N ALA C 188 -28.19 -31.34 -10.39
CA ALA C 188 -29.52 -31.10 -10.96
C ALA C 188 -29.99 -29.65 -10.75
N GLU C 189 -29.41 -28.95 -9.76
CA GLU C 189 -29.79 -27.60 -9.38
C GLU C 189 -28.85 -26.62 -10.07
N TYR C 190 -29.43 -25.84 -11.01
CA TYR C 190 -28.56 -24.93 -11.77
C TYR C 190 -29.34 -23.73 -12.30
N TYR C 191 -28.57 -22.67 -12.65
CA TYR C 191 -29.05 -21.50 -13.33
C TYR C 191 -28.70 -21.64 -14.81
N ARG C 192 -29.57 -21.12 -15.67
CA ARG C 192 -29.33 -21.24 -17.11
C ARG C 192 -29.66 -19.90 -17.79
N TYR C 193 -28.75 -19.42 -18.64
CA TYR C 193 -29.09 -18.26 -19.49
C TYR C 193 -28.21 -18.24 -20.73
N ARG C 194 -28.64 -17.50 -21.76
CA ARG C 194 -27.84 -17.29 -22.98
C ARG C 194 -26.92 -16.10 -22.78
N GLY C 195 -25.62 -16.34 -22.98
CA GLY C 195 -24.65 -15.25 -22.83
C GLY C 195 -23.47 -15.36 -23.78
N SER C 196 -22.29 -14.98 -23.24
CA SER C 196 -21.13 -14.81 -24.11
C SER C 196 -19.90 -15.45 -23.47
N LEU C 197 -18.83 -15.57 -24.26
CA LEU C 197 -17.50 -15.73 -23.67
C LEU C 197 -17.29 -14.55 -22.72
N THR C 198 -16.67 -14.83 -21.57
CA THR C 198 -16.30 -13.76 -20.64
C THR C 198 -14.93 -13.14 -20.94
N THR C 199 -14.24 -13.66 -21.95
CA THR C 199 -12.97 -13.13 -22.45
C THR C 199 -13.12 -12.80 -23.92
N PRO C 200 -12.23 -11.96 -24.48
CA PRO C 200 -12.22 -11.75 -25.93
C PRO C 200 -12.15 -13.11 -26.59
N PRO C 201 -12.82 -13.28 -27.74
CA PRO C 201 -13.58 -12.23 -28.43
C PRO C 201 -15.02 -11.93 -28.00
N CYS C 202 -15.44 -12.50 -26.86
CA CYS C 202 -16.71 -12.13 -26.22
C CYS C 202 -17.92 -12.54 -27.06
N ASN C 203 -17.82 -13.57 -27.91
CA ASN C 203 -18.91 -13.85 -28.83
C ASN C 203 -20.15 -14.26 -28.03
N PRO C 204 -21.32 -13.78 -28.44
CA PRO C 204 -22.60 -14.03 -27.72
C PRO C 204 -23.16 -15.38 -28.13
N THR C 205 -22.32 -16.42 -27.92
CA THR C 205 -22.63 -17.74 -28.43
C THR C 205 -22.60 -18.83 -27.37
N VAL C 206 -22.66 -18.45 -26.08
CA VAL C 206 -22.54 -19.42 -24.99
C VAL C 206 -23.86 -19.67 -24.26
N LEU C 207 -24.24 -20.94 -24.17
CA LEU C 207 -25.33 -21.39 -23.28
C LEU C 207 -24.68 -21.63 -21.92
N TRP C 208 -24.98 -20.77 -20.93
CA TRP C 208 -24.40 -20.91 -19.60
C TRP C 208 -25.23 -21.80 -18.71
N THR C 209 -24.51 -22.66 -17.97
CA THR C 209 -25.08 -23.45 -16.89
C THR C 209 -24.23 -23.16 -15.66
N VAL C 210 -24.79 -22.47 -14.65
CA VAL C 210 -24.00 -22.21 -13.44
C VAL C 210 -24.62 -23.08 -12.35
N PHE C 211 -23.84 -23.98 -11.74
CA PHE C 211 -24.47 -24.81 -10.73
C PHE C 211 -24.87 -23.99 -9.49
N ARG C 212 -25.96 -24.38 -8.86
CA ARG C 212 -26.48 -23.62 -7.73
C ARG C 212 -25.52 -23.74 -6.53
N ASN C 213 -24.94 -24.93 -6.33
CA ASN C 213 -24.15 -25.17 -5.14
C ASN C 213 -22.66 -25.07 -5.46
N PRO C 214 -21.88 -24.40 -4.59
CA PRO C 214 -20.45 -24.24 -4.78
C PRO C 214 -19.67 -25.49 -4.35
N VAL C 215 -18.43 -25.58 -4.81
CA VAL C 215 -17.50 -26.55 -4.23
C VAL C 215 -16.60 -25.81 -3.23
N GLN C 216 -15.94 -26.60 -2.37
CA GLN C 216 -14.95 -26.06 -1.44
C GLN C 216 -13.54 -26.53 -1.79
N ILE C 217 -12.58 -25.61 -1.65
CA ILE C 217 -11.16 -25.89 -1.68
C ILE C 217 -10.57 -25.28 -0.40
N SER C 218 -9.43 -25.81 0.07
CA SER C 218 -8.94 -25.30 1.34
C SER C 218 -8.34 -23.92 1.13
N GLN C 219 -8.16 -23.20 2.24
CA GLN C 219 -7.40 -21.96 2.26
C GLN C 219 -6.03 -22.12 1.56
N GLU C 220 -5.33 -23.24 1.78
CA GLU C 220 -4.02 -23.37 1.18
C GLU C 220 -4.11 -23.57 -0.33
N GLN C 221 -5.13 -24.32 -0.79
CA GLN C 221 -5.35 -24.53 -2.23
C GLN C 221 -5.68 -23.19 -2.90
N LEU C 222 -6.60 -22.42 -2.30
CA LEU C 222 -6.98 -21.14 -2.88
C LEU C 222 -5.77 -20.23 -2.99
N LEU C 223 -5.00 -20.14 -1.90
CA LEU C 223 -3.80 -19.33 -1.87
C LEU C 223 -2.77 -19.85 -2.87
N ALA C 224 -2.63 -21.18 -3.01
CA ALA C 224 -1.74 -21.71 -4.02
C ALA C 224 -2.11 -21.19 -5.40
N LEU C 225 -3.42 -21.25 -5.68
CA LEU C 225 -3.90 -20.88 -7.00
C LEU C 225 -3.65 -19.39 -7.24
N GLU C 226 -3.94 -18.55 -6.23
CA GLU C 226 -3.76 -17.11 -6.37
C GLU C 226 -2.30 -16.68 -6.50
N THR C 227 -1.37 -17.56 -6.06
CA THR C 227 0.05 -17.19 -5.93
C THR C 227 0.97 -17.90 -6.94
N ALA C 228 0.45 -18.89 -7.68
CA ALA C 228 1.35 -19.73 -8.45
C ALA C 228 1.81 -19.10 -9.77
N LEU C 229 0.98 -18.25 -10.40
CA LEU C 229 1.18 -18.00 -11.83
C LEU C 229 1.48 -16.56 -12.15
N TYR C 230 2.17 -16.39 -13.27
CA TYR C 230 2.53 -15.12 -13.83
C TYR C 230 1.85 -15.04 -15.18
N CYS C 231 1.56 -13.79 -15.63
N CYS C 231 1.58 -13.80 -15.62
CA CYS C 231 0.93 -13.51 -16.91
CA CYS C 231 0.94 -13.55 -16.90
C CYS C 231 1.98 -13.01 -17.90
C CYS C 231 2.03 -13.43 -17.97
N THR C 232 3.25 -13.12 -17.52
CA THR C 232 4.35 -12.70 -18.38
C THR C 232 5.25 -13.89 -18.72
N HIS C 233 6.04 -13.74 -19.79
CA HIS C 233 6.97 -14.75 -20.28
C HIS C 233 8.11 -14.93 -19.27
N MET C 234 8.75 -16.13 -19.29
CA MET C 234 9.72 -16.59 -18.30
C MET C 234 10.86 -15.61 -18.08
N ASP C 235 11.29 -14.91 -19.14
CA ASP C 235 12.44 -14.03 -19.03
C ASP C 235 12.04 -12.57 -19.20
N ASP C 236 10.77 -12.25 -18.94
CA ASP C 236 10.34 -10.87 -18.80
C ASP C 236 10.98 -10.28 -17.55
N PRO C 237 11.69 -9.13 -17.66
CA PRO C 237 12.33 -8.49 -16.51
C PRO C 237 11.38 -7.66 -15.64
N SER C 238 10.10 -7.60 -16.05
CA SER C 238 9.02 -7.02 -15.26
C SER C 238 7.91 -8.04 -15.12
N PRO C 239 8.09 -9.12 -14.31
CA PRO C 239 7.05 -10.13 -14.16
C PRO C 239 5.77 -9.60 -13.52
N ARG C 240 4.63 -10.10 -14.00
CA ARG C 240 3.35 -9.70 -13.42
C ARG C 240 2.60 -10.95 -12.96
N GLU C 241 2.04 -10.90 -11.75
CA GLU C 241 1.29 -12.03 -11.18
C GLU C 241 -0.01 -12.22 -11.96
N MET C 242 -0.40 -13.48 -12.17
CA MET C 242 -1.71 -13.79 -12.73
C MET C 242 -2.71 -13.82 -11.57
N ILE C 243 -3.38 -12.67 -11.39
CA ILE C 243 -4.39 -12.50 -10.37
C ILE C 243 -5.55 -11.71 -11.00
N ASN C 244 -6.69 -11.75 -10.31
CA ASN C 244 -7.86 -10.93 -10.64
C ASN C 244 -8.22 -11.13 -12.12
N ASN C 245 -8.22 -12.40 -12.56
CA ASN C 245 -8.40 -12.64 -14.00
C ASN C 245 -9.87 -12.99 -14.27
N PHE C 246 -10.75 -12.10 -13.83
CA PHE C 246 -12.20 -12.25 -14.01
C PHE C 246 -12.69 -10.97 -14.64
N ARG C 247 -13.77 -11.09 -15.41
CA ARG C 247 -14.44 -9.89 -15.91
C ARG C 247 -15.46 -9.38 -14.89
N GLN C 248 -15.64 -8.05 -14.85
CA GLN C 248 -16.70 -7.47 -14.02
C GLN C 248 -18.07 -7.91 -14.56
N VAL C 249 -19.10 -7.92 -13.68
CA VAL C 249 -20.42 -8.32 -14.16
C VAL C 249 -20.98 -7.27 -15.14
N GLN C 250 -21.81 -7.77 -16.05
CA GLN C 250 -22.38 -6.95 -17.10
C GLN C 250 -23.80 -6.57 -16.76
N LYS C 251 -24.27 -5.47 -17.36
CA LYS C 251 -25.69 -5.17 -17.22
C LYS C 251 -26.51 -6.28 -17.84
N PHE C 252 -27.67 -6.52 -17.22
CA PHE C 252 -28.59 -7.58 -17.61
C PHE C 252 -30.00 -7.09 -17.32
N ASP C 253 -30.58 -6.47 -18.34
CA ASP C 253 -31.81 -5.70 -18.15
C ASP C 253 -32.95 -6.31 -18.95
N GLU C 254 -34.11 -6.41 -18.28
CA GLU C 254 -35.35 -6.96 -18.81
C GLU C 254 -35.07 -8.35 -19.36
N ARG C 255 -34.24 -9.11 -18.65
CA ARG C 255 -33.99 -10.51 -18.99
C ARG C 255 -34.14 -11.36 -17.73
N LEU C 256 -34.37 -12.67 -17.94
CA LEU C 256 -34.49 -13.62 -16.84
C LEU C 256 -33.31 -14.60 -16.85
N VAL C 257 -33.04 -15.15 -15.66
CA VAL C 257 -32.20 -16.33 -15.51
C VAL C 257 -33.12 -17.48 -15.12
N TYR C 258 -33.07 -18.56 -15.89
CA TYR C 258 -33.98 -19.69 -15.66
C TYR C 258 -33.34 -20.66 -14.71
N THR C 259 -34.14 -21.23 -13.79
CA THR C 259 -33.58 -22.10 -12.78
C THR C 259 -34.24 -23.47 -12.85
N SER C 260 -33.42 -24.51 -12.58
CA SER C 260 -33.95 -25.87 -12.66
C SER C 260 -34.62 -26.22 -11.34
N PHE C 261 -34.53 -25.30 -10.41
CA PHE C 261 -34.98 -25.50 -9.04
C PHE C 261 -36.04 -24.48 -8.72
N SER C 262 -37.00 -24.92 -7.91
CA SER C 262 -37.77 -24.00 -7.11
C SER C 262 -37.48 -24.35 -5.66
N GLN C 263 -37.58 -23.36 -4.77
CA GLN C 263 -37.34 -23.59 -3.35
C GLN C 263 -35.82 -23.57 -3.09
N LYS D 3 -21.86 10.93 -28.62
CA LYS D 3 -23.20 10.29 -28.50
C LYS D 3 -23.07 9.04 -27.63
N TRP D 4 -22.12 9.05 -26.67
CA TRP D 4 -22.02 7.94 -25.75
C TRP D 4 -23.34 7.77 -25.01
N THR D 5 -23.58 6.53 -24.58
CA THR D 5 -24.83 6.18 -23.91
C THR D 5 -24.54 5.19 -22.78
N TYR D 6 -25.59 4.70 -22.11
CA TYR D 6 -25.44 3.62 -21.15
C TYR D 6 -26.03 2.29 -21.61
N PHE D 7 -26.48 2.21 -22.86
CA PHE D 7 -27.12 1.00 -23.34
C PHE D 7 -26.87 0.88 -24.83
N GLY D 8 -26.46 -0.31 -25.29
CA GLY D 8 -26.43 -0.57 -26.71
C GLY D 8 -25.00 -0.35 -27.20
N PRO D 9 -24.86 -0.20 -28.53
CA PRO D 9 -23.54 -0.13 -29.14
C PRO D 9 -22.57 0.93 -28.64
N ASP D 10 -23.12 2.03 -28.10
CA ASP D 10 -22.32 3.18 -27.66
C ASP D 10 -22.30 3.23 -26.14
N GLY D 11 -22.64 2.10 -25.54
CA GLY D 11 -22.66 1.93 -24.08
C GLY D 11 -21.26 1.76 -23.48
N GLU D 12 -21.19 1.44 -22.19
CA GLU D 12 -20.01 1.66 -21.37
C GLU D 12 -18.83 0.81 -21.81
N ASN D 13 -19.05 -0.39 -22.35
CA ASN D 13 -17.92 -1.20 -22.79
C ASN D 13 -17.25 -0.62 -24.05
N SER D 14 -17.93 0.33 -24.70
CA SER D 14 -17.40 0.96 -25.92
C SER D 14 -16.87 2.37 -25.65
N TRP D 15 -17.00 2.96 -24.45
CA TRP D 15 -16.58 4.33 -24.21
C TRP D 15 -15.11 4.53 -24.56
N SER D 16 -14.27 3.54 -24.29
CA SER D 16 -12.82 3.66 -24.43
C SER D 16 -12.46 3.82 -25.90
N LYS D 17 -13.39 3.48 -26.81
CA LYS D 17 -13.04 3.63 -28.25
C LYS D 17 -12.87 5.10 -28.60
N LYS D 18 -13.60 5.99 -27.91
CA LYS D 18 -13.46 7.42 -28.20
C LYS D 18 -12.85 8.22 -27.06
N TYR D 19 -12.86 7.64 -25.86
CA TYR D 19 -12.42 8.34 -24.67
C TYR D 19 -11.41 7.42 -23.99
N PRO D 20 -10.11 7.53 -24.31
CA PRO D 20 -9.12 6.59 -23.82
C PRO D 20 -9.02 6.42 -22.31
N SER D 21 -9.30 7.51 -21.57
CA SER D 21 -9.20 7.38 -20.12
C SER D 21 -10.24 6.41 -19.56
N CYS D 22 -11.33 6.14 -20.29
CA CYS D 22 -12.32 5.19 -19.80
C CYS D 22 -11.77 3.77 -19.81
N GLY D 23 -10.61 3.53 -20.48
CA GLY D 23 -9.90 2.24 -20.44
C GLY D 23 -8.59 2.31 -19.66
N GLY D 24 -8.41 3.41 -18.97
CA GLY D 24 -7.21 3.66 -18.18
C GLY D 24 -7.33 3.18 -16.73
N LEU D 25 -6.39 3.64 -15.94
CA LEU D 25 -6.38 3.23 -14.53
C LEU D 25 -7.29 4.17 -13.71
N LEU D 26 -7.48 3.74 -12.45
CA LEU D 26 -8.12 4.54 -11.39
C LEU D 26 -9.56 4.92 -11.74
N GLN D 27 -10.30 3.95 -12.28
CA GLN D 27 -11.66 4.27 -12.70
C GLN D 27 -12.65 4.14 -11.55
N SER D 28 -13.74 4.92 -11.68
CA SER D 28 -14.86 4.89 -10.75
C SER D 28 -16.12 4.48 -11.52
N PRO D 29 -17.18 3.95 -10.90
CA PRO D 29 -17.24 3.72 -9.44
C PRO D 29 -16.68 2.37 -9.06
N ILE D 30 -16.79 2.07 -7.75
CA ILE D 30 -16.26 0.82 -7.23
C ILE D 30 -17.21 0.24 -6.20
N ASP D 31 -17.04 -1.05 -5.90
CA ASP D 31 -17.77 -1.65 -4.79
C ASP D 31 -17.02 -1.48 -3.47
N LEU D 32 -17.70 -0.97 -2.46
CA LEU D 32 -17.07 -0.71 -1.17
C LEU D 32 -17.28 -1.94 -0.28
N HIS D 33 -16.23 -2.72 -0.04
CA HIS D 33 -16.39 -3.95 0.73
C HIS D 33 -15.19 -4.14 1.64
N SER D 34 -15.41 -4.96 2.69
CA SER D 34 -14.48 -5.02 3.82
C SER D 34 -13.03 -5.21 3.40
N ASP D 35 -12.74 -6.11 2.45
CA ASP D 35 -11.35 -6.51 2.23
C ASP D 35 -10.50 -5.33 1.78
N ILE D 36 -11.14 -4.29 1.22
CA ILE D 36 -10.36 -3.19 0.62
C ILE D 36 -10.51 -1.91 1.44
N LEU D 37 -11.15 -1.99 2.62
CA LEU D 37 -11.31 -0.79 3.45
C LEU D 37 -10.19 -0.69 4.47
N GLN D 38 -9.73 0.55 4.73
CA GLN D 38 -8.73 0.75 5.78
C GLN D 38 -8.98 2.07 6.48
N TYR D 39 -9.02 2.03 7.82
CA TYR D 39 -9.25 3.23 8.59
C TYR D 39 -8.04 4.14 8.46
N ASP D 40 -8.30 5.45 8.30
CA ASP D 40 -7.21 6.41 8.20
C ASP D 40 -7.57 7.59 9.09
N ALA D 41 -6.74 7.82 10.12
CA ALA D 41 -6.97 8.89 11.08
C ALA D 41 -6.77 10.29 10.49
N SER D 42 -6.21 10.37 9.29
CA SER D 42 -6.04 11.67 8.64
C SER D 42 -7.35 12.20 8.05
N LEU D 43 -8.36 11.33 7.92
CA LEU D 43 -9.64 11.74 7.34
C LEU D 43 -10.48 12.45 8.38
N THR D 44 -10.28 13.77 8.40
CA THR D 44 -10.97 14.61 9.37
C THR D 44 -12.25 15.15 8.74
N PRO D 45 -13.17 15.74 9.52
CA PRO D 45 -14.47 16.15 9.00
C PRO D 45 -14.39 17.26 7.95
N LEU D 46 -15.14 17.08 6.85
CA LEU D 46 -15.23 18.18 5.90
C LEU D 46 -16.14 19.25 6.46
N GLU D 47 -15.85 20.49 5.98
CA GLU D 47 -16.76 21.59 6.21
C GLU D 47 -17.40 22.09 4.90
N PHE D 48 -18.71 22.32 5.02
CA PHE D 48 -19.53 22.70 3.87
C PHE D 48 -19.86 24.18 3.99
N GLN D 49 -19.28 24.99 3.10
CA GLN D 49 -19.39 26.45 3.18
C GLN D 49 -20.21 26.98 2.02
N GLY D 50 -21.15 27.87 2.34
CA GLY D 50 -21.96 28.51 1.33
C GLY D 50 -22.88 27.52 0.64
N TYR D 51 -23.22 26.43 1.35
CA TYR D 51 -24.22 25.50 0.82
C TYR D 51 -25.63 26.02 0.96
N ASN D 52 -25.84 27.05 1.82
CA ASN D 52 -27.19 27.45 2.08
C ASN D 52 -27.58 28.52 1.06
N LEU D 53 -28.12 28.09 -0.09
CA LEU D 53 -28.39 29.04 -1.18
C LEU D 53 -29.67 29.82 -0.87
N SER D 54 -29.66 31.09 -1.26
CA SER D 54 -30.80 31.95 -0.98
C SER D 54 -32.02 31.53 -1.82
N ALA D 55 -33.18 31.51 -1.16
CA ALA D 55 -34.45 31.26 -1.85
C ALA D 55 -34.82 32.35 -2.84
N ASN D 56 -34.21 33.55 -2.77
CA ASN D 56 -34.47 34.64 -3.69
C ASN D 56 -33.52 34.63 -4.88
N LYS D 57 -32.57 33.69 -4.88
CA LYS D 57 -31.73 33.45 -6.03
C LYS D 57 -32.24 32.19 -6.74
N GLN D 58 -31.82 32.06 -7.98
CA GLN D 58 -32.26 30.90 -8.76
C GLN D 58 -31.07 30.30 -9.48
N PHE D 59 -31.14 28.98 -9.62
CA PHE D 59 -30.04 28.14 -10.12
C PHE D 59 -30.55 27.31 -11.28
N LEU D 60 -29.72 27.19 -12.30
CA LEU D 60 -30.16 26.58 -13.54
C LEU D 60 -30.09 25.05 -13.46
N LEU D 61 -31.23 24.41 -13.74
CA LEU D 61 -31.37 22.97 -13.94
C LEU D 61 -31.37 22.68 -15.44
N THR D 62 -30.59 21.64 -15.83
CA THR D 62 -30.47 21.37 -17.26
C THR D 62 -30.48 19.86 -17.47
N ASN D 63 -31.19 19.44 -18.50
CA ASN D 63 -31.04 18.07 -19.00
C ASN D 63 -29.94 18.05 -20.02
N ASN D 64 -28.86 17.30 -19.72
CA ASN D 64 -27.69 17.41 -20.57
C ASN D 64 -27.57 16.19 -21.47
N GLY D 65 -28.64 15.37 -21.48
CA GLY D 65 -28.61 14.21 -22.34
C GLY D 65 -28.16 12.93 -21.62
N HIS D 66 -27.60 13.08 -20.40
CA HIS D 66 -26.99 11.97 -19.67
C HIS D 66 -27.47 11.91 -18.23
N SER D 67 -27.82 13.07 -17.66
CA SER D 67 -28.39 13.17 -16.33
C SER D 67 -29.15 14.48 -16.30
N VAL D 68 -29.63 14.82 -15.13
CA VAL D 68 -30.16 16.15 -14.90
C VAL D 68 -29.16 16.79 -13.95
N LYS D 69 -28.75 18.04 -14.27
CA LYS D 69 -27.76 18.75 -13.45
C LYS D 69 -28.30 20.09 -12.98
N LEU D 70 -27.89 20.46 -11.76
CA LEU D 70 -28.16 21.77 -11.21
C LEU D 70 -26.82 22.49 -11.10
N ASN D 71 -26.78 23.70 -11.70
CA ASN D 71 -25.58 24.51 -11.58
C ASN D 71 -25.49 25.10 -10.19
N LEU D 72 -24.26 25.17 -9.67
CA LEU D 72 -24.03 25.66 -8.34
C LEU D 72 -23.00 26.79 -8.38
N PRO D 73 -23.06 27.73 -7.41
CA PRO D 73 -22.19 28.92 -7.44
C PRO D 73 -20.81 28.65 -6.85
N SER D 74 -19.79 29.33 -7.39
CA SER D 74 -18.43 29.02 -6.97
C SER D 74 -18.13 29.48 -5.54
N ASP D 75 -19.01 30.31 -4.97
CA ASP D 75 -18.87 30.71 -3.57
C ASP D 75 -19.12 29.53 -2.63
N MET D 76 -19.82 28.50 -3.13
CA MET D 76 -20.11 27.34 -2.32
C MET D 76 -18.89 26.43 -2.40
N HIS D 77 -18.38 25.93 -1.24
CA HIS D 77 -17.12 25.20 -1.35
C HIS D 77 -16.96 24.22 -0.21
N ILE D 78 -15.99 23.32 -0.37
CA ILE D 78 -15.54 22.48 0.74
C ILE D 78 -14.16 22.91 1.25
N GLN D 79 -14.02 22.70 2.56
CA GLN D 79 -12.78 22.86 3.32
C GLN D 79 -12.40 21.53 3.97
N GLY D 80 -11.11 21.18 3.94
CA GLY D 80 -10.67 19.99 4.62
C GLY D 80 -9.67 19.21 3.79
N LEU D 81 -9.68 19.44 2.46
CA LEU D 81 -8.86 18.66 1.56
C LEU D 81 -7.52 19.38 1.37
N GLN D 82 -6.65 18.86 0.48
CA GLN D 82 -5.31 19.44 0.29
C GLN D 82 -5.36 20.83 -0.37
N SER D 83 -6.53 21.24 -0.89
CA SER D 83 -6.78 22.53 -1.56
C SER D 83 -8.27 22.88 -1.38
N ARG D 84 -8.68 24.14 -1.63
CA ARG D 84 -10.09 24.53 -1.66
C ARG D 84 -10.75 23.99 -2.94
N TYR D 85 -11.89 23.31 -2.79
CA TYR D 85 -12.67 22.82 -3.90
C TYR D 85 -14.01 23.56 -3.89
N SER D 86 -14.29 24.20 -5.04
CA SER D 86 -15.46 25.02 -5.22
C SER D 86 -16.51 24.24 -6.03
N ALA D 87 -17.77 24.39 -5.61
CA ALA D 87 -18.85 23.66 -6.29
C ALA D 87 -19.01 24.16 -7.71
N THR D 88 -19.48 23.25 -8.57
CA THR D 88 -19.83 23.56 -9.95
C THR D 88 -21.23 23.03 -10.32
N GLN D 89 -21.58 21.82 -9.90
N GLN D 89 -21.57 21.81 -9.91
CA GLN D 89 -22.90 21.32 -10.24
CA GLN D 89 -22.86 21.27 -10.29
C GLN D 89 -23.19 20.09 -9.37
C GLN D 89 -23.18 20.08 -9.39
N LEU D 90 -24.48 19.74 -9.28
CA LEU D 90 -24.84 18.41 -8.78
C LEU D 90 -25.72 17.70 -9.81
N HIS D 91 -25.75 16.37 -9.73
CA HIS D 91 -26.56 15.59 -10.62
C HIS D 91 -26.81 14.24 -9.97
N LEU D 92 -27.61 13.41 -10.66
CA LEU D 92 -27.98 12.12 -10.10
C LEU D 92 -27.77 10.97 -11.09
N HIS D 93 -27.80 9.77 -10.54
CA HIS D 93 -27.79 8.51 -11.32
C HIS D 93 -28.84 7.57 -10.77
N TRP D 94 -29.52 6.86 -11.65
CA TRP D 94 -30.66 6.04 -11.19
C TRP D 94 -30.85 4.86 -12.14
N GLY D 95 -31.84 4.02 -11.80
CA GLY D 95 -32.14 2.78 -12.53
C GLY D 95 -33.40 2.96 -13.36
N ASN D 96 -34.43 2.14 -13.10
CA ASN D 96 -35.61 2.27 -13.93
C ASN D 96 -36.74 1.65 -13.12
N PRO D 97 -38.03 1.84 -13.54
CA PRO D 97 -39.16 1.35 -12.76
C PRO D 97 -39.09 -0.14 -12.41
N ASN D 98 -38.53 -0.96 -13.29
CA ASN D 98 -38.52 -2.39 -13.03
C ASN D 98 -37.28 -2.83 -12.25
N ASP D 99 -36.32 -1.90 -12.06
CA ASP D 99 -35.10 -2.25 -11.32
C ASP D 99 -34.59 -0.96 -10.67
N PRO D 100 -35.16 -0.53 -9.53
CA PRO D 100 -34.82 0.78 -8.97
C PRO D 100 -33.59 0.61 -8.10
N HIS D 101 -32.48 0.26 -8.77
CA HIS D 101 -31.23 -0.05 -8.06
C HIS D 101 -30.06 0.45 -8.92
N GLY D 102 -30.01 1.77 -9.07
CA GLY D 102 -29.12 2.41 -10.02
C GLY D 102 -28.06 3.32 -9.41
N SER D 103 -27.71 3.12 -8.12
CA SER D 103 -26.52 3.79 -7.62
C SER D 103 -25.29 3.36 -8.43
N GLU D 104 -24.27 4.22 -8.45
CA GLU D 104 -22.99 3.87 -9.06
C GLU D 104 -22.11 3.07 -8.13
N HIS D 105 -21.78 3.66 -6.97
CA HIS D 105 -21.08 2.89 -5.93
C HIS D 105 -22.03 1.83 -5.41
N THR D 106 -21.43 0.70 -5.05
CA THR D 106 -22.19 -0.34 -4.33
C THR D 106 -21.52 -0.59 -2.99
N VAL D 107 -22.28 -1.20 -2.07
CA VAL D 107 -21.74 -1.51 -0.75
C VAL D 107 -21.94 -3.00 -0.52
N SER D 108 -20.81 -3.71 -0.32
CA SER D 108 -20.82 -5.16 -0.11
C SER D 108 -21.66 -5.82 -1.21
N GLY D 109 -21.49 -5.32 -2.44
CA GLY D 109 -22.13 -5.95 -3.59
C GLY D 109 -23.56 -5.46 -3.93
N GLN D 110 -24.12 -4.55 -3.13
N GLN D 110 -24.09 -4.53 -3.14
CA GLN D 110 -25.51 -4.19 -3.30
CA GLN D 110 -25.49 -4.14 -3.22
C GLN D 110 -25.59 -2.74 -3.79
C GLN D 110 -25.57 -2.71 -3.78
N HIS D 111 -26.40 -2.53 -4.83
CA HIS D 111 -26.79 -1.19 -5.24
C HIS D 111 -27.78 -0.58 -4.26
N PHE D 112 -27.67 0.73 -4.13
CA PHE D 112 -28.75 1.55 -3.63
C PHE D 112 -29.66 1.98 -4.79
N ALA D 113 -30.78 2.61 -4.44
CA ALA D 113 -31.73 3.03 -5.47
C ALA D 113 -31.14 4.03 -6.46
N ALA D 114 -30.41 5.01 -5.93
CA ALA D 114 -29.91 6.10 -6.78
C ALA D 114 -28.70 6.70 -6.06
N GLU D 115 -28.11 7.72 -6.72
CA GLU D 115 -26.92 8.35 -6.15
C GLU D 115 -26.85 9.81 -6.56
N LEU D 116 -26.53 10.68 -5.60
CA LEU D 116 -26.33 12.11 -5.88
C LEU D 116 -24.85 12.40 -5.87
N HIS D 117 -24.39 13.16 -6.88
CA HIS D 117 -23.00 13.63 -6.91
C HIS D 117 -22.95 15.15 -6.91
N ILE D 118 -22.25 15.70 -5.91
CA ILE D 118 -22.01 17.14 -5.93
C ILE D 118 -20.57 17.38 -6.34
N VAL D 119 -20.39 17.89 -7.56
CA VAL D 119 -19.09 18.05 -8.18
C VAL D 119 -18.47 19.39 -7.81
N HIS D 120 -17.19 19.32 -7.40
CA HIS D 120 -16.40 20.51 -7.04
C HIS D 120 -15.09 20.44 -7.81
N TYR D 121 -14.48 21.61 -8.05
CA TYR D 121 -13.20 21.69 -8.74
C TYR D 121 -12.18 22.46 -7.91
N ASN D 122 -10.93 22.20 -8.22
CA ASN D 122 -9.78 22.77 -7.50
C ASN D 122 -9.59 24.22 -7.95
N SER D 123 -10.20 25.11 -7.20
CA SER D 123 -10.13 26.52 -7.55
C SER D 123 -8.81 27.15 -7.10
N ASP D 124 -8.01 26.41 -6.31
CA ASP D 124 -6.67 26.93 -6.01
C ASP D 124 -5.75 26.81 -7.23
N LEU D 125 -5.95 25.81 -8.05
CA LEU D 125 -5.05 25.48 -9.14
C LEU D 125 -5.62 25.97 -10.47
N TYR D 126 -6.96 25.96 -10.59
CA TYR D 126 -7.59 26.06 -11.90
C TYR D 126 -8.67 27.13 -11.92
N PRO D 127 -8.81 27.82 -13.09
CA PRO D 127 -9.74 28.95 -13.16
C PRO D 127 -11.20 28.60 -13.30
N ASP D 128 -11.49 27.35 -13.67
CA ASP D 128 -12.84 26.91 -13.92
C ASP D 128 -12.87 25.39 -13.94
N ALA D 129 -14.07 24.83 -13.78
CA ALA D 129 -14.21 23.40 -13.65
C ALA D 129 -13.83 22.64 -14.93
N SER D 130 -14.17 23.20 -16.09
CA SER D 130 -13.79 22.52 -17.33
C SER D 130 -12.27 22.38 -17.46
N THR D 131 -11.54 23.47 -17.21
CA THR D 131 -10.08 23.41 -17.26
C THR D 131 -9.53 22.40 -16.24
N ALA D 132 -10.16 22.39 -15.09
CA ALA D 132 -9.71 21.54 -13.98
C ALA D 132 -9.93 20.06 -14.28
N SER D 133 -10.94 19.75 -15.09
CA SER D 133 -11.48 18.40 -15.15
C SER D 133 -10.49 17.36 -15.69
N ASN D 134 -9.52 17.74 -16.57
CA ASN D 134 -8.57 16.76 -17.10
C ASN D 134 -7.18 16.95 -16.53
N LYS D 135 -7.11 17.61 -15.37
CA LYS D 135 -5.80 17.97 -14.81
C LYS D 135 -5.66 17.46 -13.39
N SER D 136 -4.40 17.30 -13.02
CA SER D 136 -4.04 16.68 -11.75
C SER D 136 -4.75 17.38 -10.60
N GLU D 137 -5.31 16.56 -9.68
CA GLU D 137 -6.02 17.07 -8.52
C GLU D 137 -7.21 17.97 -8.86
N GLY D 138 -7.79 17.77 -10.05
CA GLY D 138 -8.72 18.76 -10.53
C GLY D 138 -10.08 18.80 -9.82
N LEU D 139 -10.61 17.63 -9.48
CA LEU D 139 -12.01 17.59 -9.01
C LEU D 139 -12.17 16.79 -7.70
N ALA D 140 -13.22 17.15 -6.95
CA ALA D 140 -13.62 16.38 -5.78
C ALA D 140 -15.13 16.23 -5.86
N VAL D 141 -15.61 14.98 -5.71
CA VAL D 141 -17.05 14.78 -5.72
C VAL D 141 -17.50 14.26 -4.36
N LEU D 142 -18.66 14.75 -3.90
CA LEU D 142 -19.34 14.17 -2.75
C LEU D 142 -20.44 13.28 -3.27
N ALA D 143 -20.45 12.03 -2.81
CA ALA D 143 -21.49 11.09 -3.25
C ALA D 143 -22.39 10.70 -2.09
N VAL D 144 -23.68 10.86 -2.34
CA VAL D 144 -24.70 10.45 -1.35
C VAL D 144 -25.48 9.28 -1.96
N LEU D 145 -25.48 8.16 -1.20
CA LEU D 145 -26.23 6.97 -1.60
C LEU D 145 -27.70 7.21 -1.23
N ILE D 146 -28.61 6.84 -2.15
CA ILE D 146 -30.03 7.10 -1.97
C ILE D 146 -30.81 5.79 -1.93
N GLU D 147 -31.49 5.50 -0.81
N GLU D 147 -31.58 5.62 -0.85
CA GLU D 147 -32.29 4.27 -0.72
CA GLU D 147 -32.35 4.40 -0.59
C GLU D 147 -33.76 4.63 -0.74
C GLU D 147 -33.83 4.71 -0.79
N MET D 148 -34.58 3.70 -1.26
CA MET D 148 -36.04 3.85 -1.28
C MET D 148 -36.57 3.81 0.16
N GLY D 149 -37.29 4.87 0.51
CA GLY D 149 -37.78 5.05 1.88
C GLY D 149 -38.89 6.10 1.97
N SER D 150 -38.71 7.00 2.92
CA SER D 150 -39.64 8.11 3.17
C SER D 150 -39.50 9.22 2.14
N PHE D 151 -40.64 9.87 1.85
CA PHE D 151 -40.63 11.09 1.05
C PHE D 151 -39.64 12.09 1.64
N ASN D 152 -38.89 12.73 0.72
CA ASN D 152 -37.82 13.62 1.10
C ASN D 152 -38.16 15.00 0.54
N PRO D 153 -38.61 15.95 1.37
CA PRO D 153 -39.00 17.27 0.87
C PRO D 153 -37.84 18.07 0.26
N SER D 154 -36.63 17.81 0.73
CA SER D 154 -35.46 18.56 0.25
C SER D 154 -35.12 18.07 -1.16
N TYR D 155 -35.07 16.75 -1.38
CA TYR D 155 -34.82 16.32 -2.75
C TYR D 155 -35.96 16.73 -3.69
N ASP D 156 -37.18 16.88 -3.15
CA ASP D 156 -38.28 17.30 -4.00
C ASP D 156 -38.14 18.75 -4.51
N LYS D 157 -37.24 19.53 -3.89
CA LYS D 157 -36.99 20.90 -4.36
C LYS D 157 -36.31 20.83 -5.72
N ILE D 158 -35.66 19.69 -6.04
CA ILE D 158 -35.13 19.43 -7.37
C ILE D 158 -36.22 18.73 -8.18
N PHE D 159 -36.81 17.64 -7.63
CA PHE D 159 -37.60 16.74 -8.47
C PHE D 159 -38.88 17.41 -8.95
N SER D 160 -39.39 18.40 -8.22
CA SER D 160 -40.60 19.06 -8.69
C SER D 160 -40.44 19.80 -10.01
N HIS D 161 -39.19 20.04 -10.45
CA HIS D 161 -38.94 20.77 -11.70
C HIS D 161 -38.64 19.83 -12.87
N LEU D 162 -38.62 18.51 -12.65
CA LEU D 162 -38.22 17.58 -13.70
C LEU D 162 -39.07 17.69 -14.96
N GLN D 163 -40.37 17.98 -14.83
CA GLN D 163 -41.23 18.12 -15.99
C GLN D 163 -40.79 19.25 -16.93
N HIS D 164 -40.02 20.24 -16.46
CA HIS D 164 -39.62 21.36 -17.28
C HIS D 164 -38.29 21.12 -17.99
N VAL D 165 -37.68 19.93 -17.77
CA VAL D 165 -36.37 19.63 -18.37
C VAL D 165 -36.44 18.21 -18.97
N LYS D 166 -37.58 17.89 -19.53
CA LYS D 166 -37.80 16.53 -19.98
C LYS D 166 -36.80 16.12 -21.07
N TYR D 167 -36.44 17.02 -22.01
CA TYR D 167 -35.62 16.63 -23.16
C TYR D 167 -34.24 17.28 -23.16
N LYS D 168 -33.31 16.64 -23.88
CA LYS D 168 -31.94 17.11 -23.94
C LYS D 168 -31.91 18.58 -24.35
N GLY D 169 -31.17 19.39 -23.57
CA GLY D 169 -31.00 20.80 -23.85
C GLY D 169 -31.98 21.75 -23.14
N GLN D 170 -33.07 21.23 -22.57
CA GLN D 170 -34.03 22.01 -21.84
C GLN D 170 -33.48 22.43 -20.48
N GLU D 171 -33.89 23.62 -20.04
CA GLU D 171 -33.35 24.27 -18.87
C GLU D 171 -34.51 24.88 -18.09
N ALA D 172 -34.38 24.93 -16.77
CA ALA D 172 -35.40 25.52 -15.92
C ALA D 172 -34.69 26.08 -14.69
N PHE D 173 -35.34 27.02 -14.01
CA PHE D 173 -34.67 27.64 -12.87
C PHE D 173 -35.30 27.12 -11.60
N VAL D 174 -34.41 26.82 -10.65
CA VAL D 174 -34.78 26.27 -9.36
C VAL D 174 -34.43 27.34 -8.33
N PRO D 175 -35.38 27.77 -7.45
CA PRO D 175 -35.01 28.65 -6.34
C PRO D 175 -33.98 28.00 -5.43
N GLY D 176 -33.06 28.82 -4.88
CA GLY D 176 -32.07 28.25 -3.98
C GLY D 176 -32.71 27.63 -2.72
N PHE D 177 -31.96 26.68 -2.20
CA PHE D 177 -32.27 26.01 -0.95
C PHE D 177 -30.95 25.54 -0.35
N ASN D 178 -31.04 25.02 0.86
CA ASN D 178 -29.83 24.65 1.56
C ASN D 178 -29.45 23.24 1.08
N ILE D 179 -28.37 23.18 0.31
CA ILE D 179 -27.91 21.92 -0.29
C ILE D 179 -27.44 20.95 0.79
N GLU D 180 -27.03 21.43 1.97
CA GLU D 180 -26.72 20.52 3.05
C GLU D 180 -27.93 19.64 3.41
N GLU D 181 -29.16 20.08 3.09
CA GLU D 181 -30.30 19.22 3.40
C GLU D 181 -30.30 17.94 2.54
N LEU D 182 -29.51 17.90 1.46
CA LEU D 182 -29.40 16.66 0.68
C LEU D 182 -28.38 15.69 1.25
N LEU D 183 -27.54 16.11 2.23
CA LEU D 183 -26.54 15.23 2.78
C LEU D 183 -27.13 14.38 3.90
N PRO D 184 -26.54 13.20 4.13
CA PRO D 184 -27.01 12.27 5.16
C PRO D 184 -26.57 12.65 6.55
N GLU D 185 -26.96 11.77 7.50
N GLU D 185 -26.99 11.80 7.52
CA GLU D 185 -26.57 11.85 8.90
CA GLU D 185 -26.58 11.97 8.90
C GLU D 185 -25.08 11.57 8.99
C GLU D 185 -25.10 11.59 9.00
N ARG D 186 -24.41 12.23 9.96
CA ARG D 186 -23.06 11.86 10.33
C ARG D 186 -22.11 11.90 9.13
N THR D 187 -22.09 13.09 8.53
CA THR D 187 -21.18 13.30 7.41
C THR D 187 -19.69 13.11 7.74
N ALA D 188 -19.30 13.14 9.04
CA ALA D 188 -17.92 12.88 9.39
C ALA D 188 -17.48 11.44 9.06
N GLU D 189 -18.48 10.56 8.89
CA GLU D 189 -18.21 9.17 8.51
C GLU D 189 -18.37 9.01 6.98
N TYR D 190 -17.25 8.65 6.38
CA TYR D 190 -17.19 8.55 4.92
C TYR D 190 -16.09 7.64 4.47
N TYR D 191 -16.21 7.26 3.19
CA TYR D 191 -15.21 6.52 2.44
C TYR D 191 -14.50 7.51 1.52
N ARG D 192 -13.17 7.35 1.33
CA ARG D 192 -12.39 8.28 0.51
C ARG D 192 -11.45 7.48 -0.39
N TYR D 193 -11.45 7.76 -1.71
CA TYR D 193 -10.48 7.08 -2.55
C TYR D 193 -10.20 7.94 -3.79
N ARG D 194 -9.12 7.57 -4.49
CA ARG D 194 -8.78 8.27 -5.72
C ARG D 194 -9.36 7.55 -6.92
N GLY D 195 -10.14 8.30 -7.73
CA GLY D 195 -10.74 7.69 -8.90
C GLY D 195 -10.92 8.67 -10.03
N SER D 196 -12.05 8.52 -10.72
CA SER D 196 -12.25 9.17 -12.00
C SER D 196 -13.66 9.74 -12.09
N LEU D 197 -13.89 10.49 -13.18
CA LEU D 197 -15.27 10.73 -13.61
C LEU D 197 -15.86 9.36 -13.95
N THR D 198 -17.14 9.17 -13.61
CA THR D 198 -17.80 7.93 -13.95
C THR D 198 -18.49 7.98 -15.31
N THR D 199 -18.29 9.09 -16.01
CA THR D 199 -18.82 9.27 -17.36
C THR D 199 -17.64 9.61 -18.25
N PRO D 200 -17.76 9.45 -19.59
CA PRO D 200 -16.75 10.00 -20.50
C PRO D 200 -16.57 11.47 -20.17
N PRO D 201 -15.35 12.02 -20.25
CA PRO D 201 -14.15 11.31 -20.68
C PRO D 201 -13.41 10.48 -19.66
N CYS D 202 -14.01 10.25 -18.46
CA CYS D 202 -13.45 9.31 -17.47
C CYS D 202 -12.09 9.72 -16.88
N ASN D 203 -11.80 11.01 -16.90
CA ASN D 203 -10.47 11.43 -16.46
C ASN D 203 -10.23 10.96 -15.03
N PRO D 204 -9.02 10.41 -14.75
CA PRO D 204 -8.72 9.96 -13.38
C PRO D 204 -8.27 11.10 -12.44
N THR D 205 -9.15 12.08 -12.24
CA THR D 205 -8.80 13.34 -11.63
C THR D 205 -9.74 13.66 -10.46
N VAL D 206 -10.44 12.61 -9.93
CA VAL D 206 -11.47 12.86 -8.93
C VAL D 206 -11.04 12.28 -7.58
N LEU D 207 -11.06 13.14 -6.58
CA LEU D 207 -11.01 12.67 -5.19
C LEU D 207 -12.45 12.41 -4.73
N TRP D 208 -12.75 11.13 -4.50
CA TRP D 208 -14.11 10.72 -4.11
C TRP D 208 -14.30 10.71 -2.60
N THR D 209 -15.46 11.21 -2.17
CA THR D 209 -15.90 11.09 -0.78
C THR D 209 -17.32 10.52 -0.87
N VAL D 210 -17.53 9.29 -0.40
CA VAL D 210 -18.85 8.69 -0.36
C VAL D 210 -19.29 8.58 1.09
N PHE D 211 -20.38 9.26 1.43
CA PHE D 211 -20.80 9.25 2.84
C PHE D 211 -21.25 7.84 3.21
N ARG D 212 -20.97 7.47 4.47
CA ARG D 212 -21.28 6.11 4.93
C ARG D 212 -22.79 5.86 4.96
N ASN D 213 -23.55 6.85 5.40
CA ASN D 213 -24.98 6.72 5.59
C ASN D 213 -25.76 7.20 4.36
N PRO D 214 -26.78 6.46 3.92
CA PRO D 214 -27.61 6.91 2.81
C PRO D 214 -28.67 7.89 3.28
N VAL D 215 -29.32 8.55 2.32
CA VAL D 215 -30.57 9.26 2.55
C VAL D 215 -31.69 8.45 1.94
N GLN D 216 -32.94 8.83 2.23
CA GLN D 216 -34.09 8.17 1.68
C GLN D 216 -34.88 9.14 0.83
N ILE D 217 -35.44 8.63 -0.26
CA ILE D 217 -36.49 9.31 -1.04
C ILE D 217 -37.58 8.27 -1.28
N SER D 218 -38.81 8.72 -1.60
CA SER D 218 -39.87 7.71 -1.69
C SER D 218 -39.90 6.95 -3.01
N GLN D 219 -40.66 5.85 -3.04
CA GLN D 219 -40.90 5.16 -4.29
C GLN D 219 -41.50 6.10 -5.34
N GLU D 220 -42.39 6.98 -4.91
CA GLU D 220 -43.05 7.82 -5.89
C GLU D 220 -42.02 8.84 -6.41
N GLN D 221 -41.09 9.31 -5.57
CA GLN D 221 -40.03 10.20 -6.05
C GLN D 221 -39.13 9.49 -7.04
N LEU D 222 -38.75 8.25 -6.70
CA LEU D 222 -37.91 7.47 -7.60
C LEU D 222 -38.62 7.23 -8.92
N LEU D 223 -39.92 6.89 -8.90
CA LEU D 223 -40.62 6.58 -10.12
C LEU D 223 -40.72 7.85 -10.98
N ALA D 224 -40.90 9.01 -10.35
CA ALA D 224 -40.95 10.25 -11.11
C ALA D 224 -39.59 10.53 -11.75
N LEU D 225 -38.49 10.35 -11.01
CA LEU D 225 -37.15 10.55 -11.54
C LEU D 225 -36.91 9.61 -12.72
N GLU D 226 -37.30 8.33 -12.59
CA GLU D 226 -37.04 7.27 -13.56
C GLU D 226 -37.90 7.40 -14.81
N THR D 227 -38.94 8.22 -14.79
CA THR D 227 -39.86 8.29 -15.93
C THR D 227 -39.93 9.71 -16.48
N ALA D 228 -39.26 10.71 -15.87
CA ALA D 228 -39.46 12.10 -16.30
C ALA D 228 -38.61 12.48 -17.52
N LEU D 229 -37.47 11.86 -17.73
CA LEU D 229 -36.49 12.44 -18.62
C LEU D 229 -36.13 11.54 -19.81
N TYR D 230 -35.72 12.24 -20.88
CA TYR D 230 -35.19 11.64 -22.10
C TYR D 230 -33.77 12.11 -22.37
N CYS D 231 -33.00 11.22 -23.00
CA CYS D 231 -31.61 11.52 -23.30
C CYS D 231 -31.51 12.28 -24.62
N THR D 232 -32.62 12.24 -25.38
CA THR D 232 -32.69 12.82 -26.73
C THR D 232 -33.38 14.19 -26.74
N HIS D 233 -33.08 14.97 -27.80
CA HIS D 233 -33.77 16.20 -28.07
C HIS D 233 -35.23 15.90 -28.36
N MET D 234 -36.03 16.92 -28.13
CA MET D 234 -37.50 16.80 -28.21
C MET D 234 -37.92 16.27 -29.59
N ASP D 235 -37.18 16.67 -30.62
N ASP D 235 -37.20 16.65 -30.65
CA ASP D 235 -37.55 16.43 -32.01
CA ASP D 235 -37.66 16.34 -31.99
C ASP D 235 -36.82 15.23 -32.60
C ASP D 235 -36.99 15.09 -32.57
N ASP D 236 -36.20 14.39 -31.76
CA ASP D 236 -35.49 13.20 -32.23
C ASP D 236 -36.49 12.12 -32.62
N PRO D 237 -36.42 11.56 -33.86
CA PRO D 237 -37.39 10.53 -34.26
C PRO D 237 -37.15 9.20 -33.54
N SER D 238 -36.01 9.09 -32.83
CA SER D 238 -35.67 7.86 -32.11
C SER D 238 -35.47 8.19 -30.64
N PRO D 239 -36.55 8.49 -29.89
CA PRO D 239 -36.40 8.92 -28.50
C PRO D 239 -35.79 7.86 -27.62
N ARG D 240 -35.03 8.30 -26.60
CA ARG D 240 -34.45 7.32 -25.69
C ARG D 240 -34.64 7.82 -24.25
N GLU D 241 -35.33 7.01 -23.43
CA GLU D 241 -35.52 7.34 -22.02
C GLU D 241 -34.22 7.37 -21.23
N MET D 242 -34.18 8.37 -20.32
CA MET D 242 -33.01 8.51 -19.47
C MET D 242 -33.19 7.63 -18.23
N ILE D 243 -32.72 6.37 -18.37
CA ILE D 243 -32.86 5.34 -17.37
C ILE D 243 -31.52 4.61 -17.30
N ASN D 244 -31.29 3.96 -16.15
CA ASN D 244 -30.12 3.12 -15.99
C ASN D 244 -28.84 3.86 -16.33
N ASN D 245 -28.73 5.11 -15.88
CA ASN D 245 -27.60 5.97 -16.21
C ASN D 245 -26.50 5.87 -15.16
N PHE D 246 -26.11 4.62 -14.87
CA PHE D 246 -25.01 4.39 -13.93
C PHE D 246 -24.02 3.49 -14.65
N ARG D 247 -22.75 3.68 -14.33
CA ARG D 247 -21.71 2.77 -14.83
C ARG D 247 -21.54 1.57 -13.87
N GLN D 248 -21.19 0.40 -14.42
CA GLN D 248 -20.83 -0.75 -13.58
C GLN D 248 -19.58 -0.44 -12.76
N VAL D 249 -19.45 -1.15 -11.62
CA VAL D 249 -18.24 -0.96 -10.84
C VAL D 249 -16.99 -1.51 -11.55
N GLN D 250 -15.86 -0.89 -11.18
CA GLN D 250 -14.56 -1.06 -11.85
C GLN D 250 -13.60 -1.93 -11.02
N LYS D 251 -12.60 -2.49 -11.71
CA LYS D 251 -11.50 -3.11 -10.97
C LYS D 251 -10.80 -2.10 -10.07
N PHE D 252 -10.35 -2.63 -8.93
CA PHE D 252 -9.61 -1.80 -7.98
C PHE D 252 -8.22 -1.33 -8.45
N ASP D 253 -7.49 -2.11 -9.27
CA ASP D 253 -6.19 -1.63 -9.74
C ASP D 253 -5.24 -1.37 -8.55
N GLU D 254 -5.36 -2.17 -7.47
CA GLU D 254 -4.46 -2.06 -6.32
C GLU D 254 -4.85 -1.00 -5.28
N ARG D 255 -5.86 -0.17 -5.56
CA ARG D 255 -6.29 0.88 -4.65
C ARG D 255 -6.91 0.29 -3.37
N LEU D 256 -6.71 0.98 -2.23
CA LEU D 256 -7.57 0.80 -1.06
C LEU D 256 -8.56 1.96 -0.99
N VAL D 257 -9.61 1.78 -0.18
CA VAL D 257 -10.58 2.82 0.13
C VAL D 257 -10.37 3.11 1.61
N TYR D 258 -10.09 4.36 1.92
CA TYR D 258 -9.78 4.77 3.28
C TYR D 258 -11.04 5.23 3.95
N THR D 259 -11.20 4.89 5.24
CA THR D 259 -12.43 5.25 5.91
C THR D 259 -12.17 6.15 7.11
N SER D 260 -13.14 7.02 7.44
CA SER D 260 -13.00 7.88 8.62
C SER D 260 -13.61 7.21 9.86
N PHE D 261 -14.04 5.96 9.71
CA PHE D 261 -14.71 5.25 10.78
C PHE D 261 -14.11 3.85 10.84
N SER D 262 -14.23 3.17 11.99
CA SER D 262 -13.84 1.76 12.10
C SER D 262 -15.09 0.89 12.14
N GLN D 263 -15.99 1.31 13.03
CA GLN D 263 -17.32 0.78 13.24
C GLN D 263 -17.59 -0.43 12.33
#